data_5T35
#
_entry.id   5T35
#
_cell.length_a   102.306
_cell.length_b   102.306
_cell.length_c   144.329
_cell.angle_alpha   90.000
_cell.angle_beta   90.000
_cell.angle_gamma   120.000
#
_symmetry.space_group_name_H-M   'P 32'
#
loop_
_entity.id
_entity.type
_entity.pdbx_description
1 polymer 'Bromodomain-containing protein 4'
2 polymer 'Transcription elongation factor B polypeptide 2'
3 polymer 'Transcription elongation factor B polypeptide 1'
4 polymer 'Von Hippel-Lindau disease tumor suppressor'
5 non-polymer (2~{S},4~{R})-1-[(2~{S})-2-[2-[2-[2-[2-[2-[(9~{S})-7-(4-chlorophenyl)-4,5,13-trimethyl-3-thia-1,8,11,12-tetrazatricyclo[8.3.0.0^{2,6}]trideca-2(6),4,7,10,12-pentaen-9-yl]ethanoylamino]ethoxy]ethoxy]ethoxy]ethanoylamino]-3,3-dimethyl-butanoyl]-~{N}-[[4-(4-methyl-2,3-dihydro-1,3-thiazol-5-yl)phenyl]methyl]-4-oxidanyl-pyrrolidine-2-carboxamide
6 water water
#
loop_
_entity_poly.entity_id
_entity_poly.type
_entity_poly.pdbx_seq_one_letter_code
_entity_poly.pdbx_strand_id
1 'polypeptide(L)'
;SMKDVPDSQQHPAPEKSSKVSEQLKCCSGILKEMFAKKHAAYAWPFYKPVDVEALGLHDYCDIIKHPMDMSTIKSKLEAR
EYRDAQEFGADVRLMFSNCYKYNPPDHEVVAMARKLQDVFEMRFAKMPDE
;
A,E
2 'polypeptide(L)'
;MDVFLMIRRHKTTIFTDAKESSTVFELKRIVEGILKRPPDEQRLYKDDQLLDDGKTLGECGFTSQTARPQAPATVGLAFR
ADDTFEALCIEPFSSPPELPDVMK
;
B,F
3 'polypeptide(L)'
;MMYVKLISSDGHEFIVKREHALTSGTIKAMLSGPGQFAENETNEVNFREIPSHVLSKVCMYFTYKVRYTNSSTEIPEFPI
APEIALELLMAANFLDC
;
C,G
4 'polypeptide(L)'
;GSMEAGRPRPVLRSVNSREPSQVIFCNRSPRVVLPVWLNFDGEPQPYPTLPPGTGRRIHSYRGHLWLFRDAGTHDGLLVN
QTELFVPSLNVDGQPIFANITLPVYTLKERCLQVVRSLVKPENYRRLDIVRSLYEDLEDHPNVQKDLERLTQERIAHQRM
GD
;
D,H
#
loop_
_chem_comp.id
_chem_comp.type
_chem_comp.name
_chem_comp.formula
759 non-polymer (2~{S},4~{R})-1-[(2~{S})-2-[2-[2-[2-[2-[2-[(9~{S})-7-(4-chlorophenyl)-4,5,13-trimethyl-3-thia-1,8,11,12-tetrazatricyclo[8.3.0.0^{2,6}]trideca-2(6),4,7,10,12-pentaen-9-yl]ethanoylamino]ethoxy]ethoxy]ethoxy]ethanoylamino]-3,3-dimethyl-butanoyl]-~{N}-[[4-(4-methyl-2,3-dihydro-1,3-thiazol-5-yl)phenyl]methyl]-4-oxidanyl-pyrrolidine-2-carboxamide 'C49 H60 Cl N9 O8 S2'
#
# COMPACT_ATOMS: atom_id res chain seq x y z
N LYS A 19 30.71 -5.06 69.10
CA LYS A 19 29.76 -3.93 68.84
C LYS A 19 29.63 -3.67 67.34
N VAL A 20 30.76 -3.46 66.67
CA VAL A 20 30.79 -3.21 65.23
C VAL A 20 30.50 -4.49 64.43
N SER A 21 31.07 -5.60 64.87
CA SER A 21 30.88 -6.89 64.20
C SER A 21 29.45 -7.44 64.39
N GLU A 22 28.84 -7.14 65.55
CA GLU A 22 27.46 -7.57 65.83
C GLU A 22 26.43 -6.77 65.03
N GLN A 23 26.73 -5.49 64.82
CA GLN A 23 25.91 -4.66 63.94
C GLN A 23 26.00 -5.12 62.48
N LEU A 24 27.18 -5.58 62.08
CA LEU A 24 27.39 -6.06 60.71
C LEU A 24 26.72 -7.41 60.43
N LYS A 25 26.46 -8.21 61.47
CA LYS A 25 25.62 -9.39 61.32
C LYS A 25 24.15 -9.00 61.16
N CYS A 26 23.73 -7.94 61.87
CA CYS A 26 22.37 -7.43 61.74
C CYS A 26 22.13 -6.85 60.34
N CYS A 27 23.09 -6.08 59.84
CA CYS A 27 23.03 -5.56 58.47
C CYS A 27 22.86 -6.69 57.45
N SER A 28 23.55 -7.80 57.70
CA SER A 28 23.42 -8.98 56.86
C SER A 28 22.04 -9.60 56.99
N GLY A 29 21.53 -9.70 58.21
CA GLY A 29 20.18 -10.23 58.46
C GLY A 29 19.10 -9.42 57.78
N ILE A 30 19.32 -8.12 57.68
CA ILE A 30 18.38 -7.20 57.03
C ILE A 30 18.35 -7.42 55.51
N LEU A 31 19.52 -7.45 54.89
CA LEU A 31 19.60 -7.73 53.45
C LEU A 31 18.99 -9.10 53.11
N LYS A 32 19.21 -10.09 53.97
CA LYS A 32 18.63 -11.41 53.78
C LYS A 32 17.12 -11.31 53.74
N GLU A 33 16.54 -10.51 54.62
CA GLU A 33 15.09 -10.31 54.60
C GLU A 33 14.64 -9.56 53.33
N MET A 34 15.42 -8.55 52.94
CA MET A 34 15.12 -7.81 51.70
C MET A 34 15.11 -8.72 50.46
N PHE A 35 15.88 -9.81 50.51
CA PHE A 35 15.91 -10.80 49.42
C PHE A 35 14.80 -11.87 49.51
N ALA A 36 14.07 -11.92 50.62
CA ALA A 36 13.16 -13.05 50.89
C ALA A 36 11.90 -13.01 50.01
N LYS A 37 11.22 -14.15 49.91
CA LYS A 37 10.03 -14.30 49.06
C LYS A 37 8.90 -13.37 49.51
N LYS A 38 8.75 -13.24 50.82
CA LYS A 38 7.80 -12.32 51.45
C LYS A 38 7.72 -10.95 50.75
N HIS A 39 8.87 -10.40 50.38
CA HIS A 39 8.95 -9.07 49.77
C HIS A 39 9.22 -9.09 48.25
N ALA A 40 9.06 -10.25 47.61
CA ALA A 40 9.47 -10.42 46.21
C ALA A 40 8.69 -9.56 45.21
N ALA A 41 7.43 -9.23 45.52
CA ALA A 41 6.57 -8.49 44.59
C ALA A 41 7.06 -7.07 44.30
N TYR A 42 7.74 -6.44 45.26
CA TYR A 42 8.31 -5.09 45.05
C TYR A 42 9.84 -5.01 45.13
N ALA A 43 10.49 -6.05 45.65
CA ALA A 43 11.95 -6.05 45.77
C ALA A 43 12.72 -6.43 44.49
N TRP A 44 12.06 -7.10 43.54
CA TRP A 44 12.75 -7.74 42.41
C TRP A 44 13.57 -6.85 41.47
N PRO A 45 13.19 -5.57 41.27
CA PRO A 45 14.02 -4.70 40.42
C PRO A 45 15.40 -4.35 40.97
N PHE A 46 15.64 -4.56 42.27
CA PHE A 46 16.86 -4.11 42.92
C PHE A 46 17.82 -5.26 43.26
N TYR A 47 17.45 -6.48 42.87
CA TYR A 47 18.29 -7.67 43.10
C TYR A 47 19.67 -7.58 42.44
N LYS A 48 19.70 -7.08 41.21
CA LYS A 48 20.95 -7.00 40.43
C LYS A 48 21.18 -5.60 39.88
N PRO A 49 22.41 -5.32 39.38
CA PRO A 49 22.69 -4.02 38.78
C PRO A 49 21.71 -3.67 37.66
N VAL A 50 21.58 -2.38 37.37
CA VAL A 50 20.64 -1.95 36.34
C VAL A 50 21.24 -2.29 34.99
N ASP A 51 20.49 -3.03 34.19
CA ASP A 51 20.93 -3.40 32.84
C ASP A 51 20.45 -2.35 31.83
N VAL A 52 21.31 -1.38 31.53
CA VAL A 52 20.94 -0.27 30.66
C VAL A 52 20.67 -0.70 29.21
N GLU A 53 21.34 -1.76 28.76
CA GLU A 53 21.07 -2.33 27.45
C GLU A 53 19.65 -2.88 27.32
N ALA A 54 19.30 -3.81 28.20
CA ALA A 54 18.00 -4.46 28.18
C ALA A 54 16.84 -3.49 28.39
N LEU A 55 17.02 -2.54 29.29
CA LEU A 55 15.96 -1.57 29.58
C LEU A 55 15.92 -0.46 28.54
N GLY A 56 17.00 -0.32 27.77
CA GLY A 56 17.07 0.67 26.69
C GLY A 56 17.22 2.10 27.18
N LEU A 57 18.02 2.28 28.22
CA LEU A 57 18.20 3.57 28.88
C LEU A 57 19.52 4.22 28.48
N HIS A 58 19.47 5.02 27.41
CA HIS A 58 20.65 5.67 26.85
C HIS A 58 21.30 6.70 27.79
N ASP A 59 20.49 7.30 28.67
CA ASP A 59 20.96 8.39 29.53
C ASP A 59 21.24 8.00 31.00
N TYR A 60 21.13 6.72 31.34
CA TYR A 60 21.21 6.31 32.74
C TYR A 60 22.57 6.60 33.39
N CYS A 61 23.66 6.30 32.68
CA CYS A 61 25.01 6.56 33.21
C CYS A 61 25.37 8.03 33.22
N ASP A 62 24.76 8.81 32.32
CA ASP A 62 24.92 10.26 32.32
C ASP A 62 24.33 10.86 33.60
N ILE A 63 23.23 10.28 34.08
CA ILE A 63 22.51 10.82 35.22
C ILE A 63 22.90 10.18 36.55
N ILE A 64 23.04 8.86 36.56
CA ILE A 64 23.46 8.14 37.76
C ILE A 64 24.96 7.86 37.72
N LYS A 65 25.71 8.67 38.47
CA LYS A 65 27.17 8.62 38.44
C LYS A 65 27.72 7.48 39.30
N HIS A 66 26.92 6.96 40.23
CA HIS A 66 27.36 5.91 41.15
C HIS A 66 26.24 4.89 41.37
N PRO A 67 26.18 3.85 40.52
CA PRO A 67 25.11 2.85 40.61
C PRO A 67 25.22 1.97 41.85
N MET A 68 24.10 1.32 42.23
CA MET A 68 24.11 0.37 43.34
C MET A 68 22.90 -0.57 43.31
N ASP A 69 23.10 -1.78 43.84
CA ASP A 69 22.03 -2.80 43.89
C ASP A 69 22.31 -3.77 45.04
N MET A 70 21.35 -4.67 45.29
CA MET A 70 21.43 -5.56 46.45
C MET A 70 22.56 -6.59 46.33
N SER A 71 22.75 -7.16 45.14
CA SER A 71 23.81 -8.16 44.96
C SER A 71 25.20 -7.55 45.18
N THR A 72 25.40 -6.32 44.70
CA THR A 72 26.66 -5.62 44.90
C THR A 72 26.92 -5.40 46.40
N ILE A 73 25.87 -5.00 47.12
CA ILE A 73 25.95 -4.80 48.57
C ILE A 73 26.26 -6.11 49.30
N LYS A 74 25.62 -7.20 48.89
CA LYS A 74 25.90 -8.53 49.46
C LYS A 74 27.37 -8.92 49.33
N SER A 75 27.95 -8.69 48.15
CA SER A 75 29.37 -8.98 47.93
C SER A 75 30.27 -8.18 48.87
N LYS A 76 29.92 -6.92 49.07
CA LYS A 76 30.71 -6.03 49.92
C LYS A 76 30.66 -6.42 51.39
N LEU A 77 29.48 -6.84 51.86
CA LEU A 77 29.37 -7.43 53.20
C LEU A 77 30.27 -8.64 53.35
N GLU A 78 30.11 -9.60 52.45
CA GLU A 78 30.87 -10.85 52.49
C GLU A 78 32.38 -10.63 52.32
N ALA A 79 32.74 -9.55 51.64
CA ALA A 79 34.15 -9.15 51.49
C ALA A 79 34.65 -8.23 52.62
N ARG A 80 33.81 -7.96 53.63
CA ARG A 80 34.15 -7.12 54.78
C ARG A 80 34.55 -5.68 54.41
N GLU A 81 34.00 -5.15 53.33
CA GLU A 81 34.39 -3.82 52.87
C GLU A 81 33.75 -2.66 53.66
N TYR A 82 32.65 -2.91 54.35
CA TYR A 82 32.01 -1.88 55.16
C TYR A 82 32.66 -1.81 56.55
N ARG A 83 33.28 -0.67 56.87
CA ARG A 83 33.91 -0.46 58.17
C ARG A 83 32.90 -0.48 59.33
N ASP A 84 31.67 -0.08 59.05
CA ASP A 84 30.61 -0.03 60.08
C ASP A 84 29.20 -0.02 59.45
N ALA A 85 28.17 0.01 60.30
CA ALA A 85 26.78 -0.06 59.84
C ALA A 85 26.32 1.18 59.06
N GLN A 86 26.98 2.31 59.26
CA GLN A 86 26.60 3.55 58.56
C GLN A 86 26.93 3.49 57.08
N GLU A 87 28.07 2.89 56.75
CA GLU A 87 28.49 2.72 55.35
C GLU A 87 27.55 1.78 54.60
N PHE A 88 27.10 0.72 55.28
CA PHE A 88 26.09 -0.20 54.74
C PHE A 88 24.80 0.53 54.45
N GLY A 89 24.43 1.43 55.36
CA GLY A 89 23.20 2.22 55.22
C GLY A 89 23.28 3.18 54.06
N ALA A 90 24.38 3.91 53.95
CA ALA A 90 24.56 4.90 52.87
C ALA A 90 24.48 4.26 51.47
N ASP A 91 24.93 3.01 51.35
CA ASP A 91 24.83 2.27 50.10
C ASP A 91 23.39 1.85 49.82
N VAL A 92 22.65 1.44 50.85
CA VAL A 92 21.25 1.08 50.66
C VAL A 92 20.47 2.32 50.27
N ARG A 93 20.74 3.44 50.95
CA ARG A 93 20.09 4.71 50.64
C ARG A 93 20.49 5.25 49.26
N LEU A 94 21.71 4.96 48.83
CA LEU A 94 22.17 5.30 47.48
C LEU A 94 21.38 4.57 46.40
N MET A 95 21.14 3.28 46.62
CA MET A 95 20.35 2.46 45.70
C MET A 95 18.98 3.09 45.48
N PHE A 96 18.33 3.50 46.57
CA PHE A 96 17.00 4.12 46.50
C PHE A 96 17.05 5.53 45.91
N SER A 97 18.00 6.34 46.38
CA SER A 97 18.16 7.70 45.86
C SER A 97 18.37 7.74 44.33
N ASN A 98 19.16 6.81 43.81
CA ASN A 98 19.34 6.68 42.35
C ASN A 98 18.02 6.47 41.62
N CYS A 99 17.17 5.62 42.17
CA CYS A 99 15.87 5.32 41.57
C CYS A 99 14.94 6.54 41.56
N TYR A 100 14.87 7.26 42.69
CA TYR A 100 14.03 8.45 42.81
C TYR A 100 14.55 9.59 41.94
N LYS A 101 15.87 9.62 41.76
CA LYS A 101 16.53 10.66 40.97
C LYS A 101 16.23 10.50 39.48
N TYR A 102 16.39 9.29 38.94
CA TYR A 102 16.25 9.03 37.51
C TYR A 102 14.80 9.08 37.04
N ASN A 103 13.88 8.52 37.81
CA ASN A 103 12.48 8.31 37.38
C ASN A 103 11.50 9.39 37.82
N PRO A 104 10.37 9.52 37.10
CA PRO A 104 9.30 10.43 37.54
C PRO A 104 8.55 9.92 38.78
N PRO A 105 8.02 10.82 39.61
CA PRO A 105 7.40 10.51 40.91
C PRO A 105 6.41 9.34 40.92
N ASP A 106 5.56 9.25 39.91
CA ASP A 106 4.46 8.27 39.90
C ASP A 106 4.74 7.05 39.01
N HIS A 107 6.01 6.67 38.92
CA HIS A 107 6.45 5.51 38.15
C HIS A 107 6.35 4.27 39.02
N GLU A 108 6.05 3.13 38.40
CA GLU A 108 5.84 1.88 39.14
C GLU A 108 7.03 1.48 40.01
N VAL A 109 8.23 1.70 39.48
CA VAL A 109 9.49 1.38 40.18
C VAL A 109 9.75 2.29 41.40
N VAL A 110 9.27 3.53 41.35
CA VAL A 110 9.39 4.44 42.50
C VAL A 110 8.47 4.00 43.65
N ALA A 111 7.23 3.61 43.31
CA ALA A 111 6.33 2.98 44.28
C ALA A 111 6.94 1.72 44.92
N MET A 112 7.52 0.86 44.09
CA MET A 112 8.15 -0.37 44.59
C MET A 112 9.33 -0.06 45.52
N ALA A 113 10.13 0.93 45.13
CA ALA A 113 11.26 1.39 45.94
C ALA A 113 10.81 1.84 47.34
N ARG A 114 9.74 2.65 47.38
CA ARG A 114 9.22 3.19 48.63
C ARG A 114 8.83 2.06 49.60
N LYS A 115 8.16 1.03 49.09
CA LYS A 115 7.72 -0.11 49.90
C LYS A 115 8.88 -0.86 50.53
N LEU A 116 9.94 -1.05 49.75
CA LEU A 116 11.11 -1.76 50.24
C LEU A 116 11.92 -0.90 51.22
N GLN A 117 12.00 0.39 50.96
CA GLN A 117 12.71 1.30 51.86
C GLN A 117 12.06 1.32 53.25
N ASP A 118 10.74 1.21 53.29
CA ASP A 118 10.02 1.16 54.56
C ASP A 118 10.47 -0.06 55.38
N VAL A 119 10.64 -1.20 54.71
CA VAL A 119 11.16 -2.37 55.38
C VAL A 119 12.59 -2.13 55.87
N PHE A 120 13.44 -1.57 55.02
CA PHE A 120 14.80 -1.27 55.43
C PHE A 120 14.84 -0.35 56.65
N GLU A 121 14.16 0.79 56.56
CA GLU A 121 14.25 1.80 57.60
C GLU A 121 13.80 1.27 58.95
N MET A 122 12.75 0.45 58.95
CA MET A 122 12.19 -0.11 60.18
C MET A 122 13.18 -1.02 60.90
N ARG A 123 13.83 -1.91 60.16
CA ARG A 123 14.78 -2.86 60.75
C ARG A 123 16.10 -2.18 61.11
N PHE A 124 16.51 -1.21 60.28
CA PHE A 124 17.73 -0.44 60.53
C PHE A 124 17.61 0.43 61.79
N ALA A 125 16.41 0.93 62.06
CA ALA A 125 16.16 1.74 63.25
C ALA A 125 16.08 0.89 64.53
N LYS A 126 15.61 -0.35 64.39
CA LYS A 126 15.46 -1.27 65.53
C LYS A 126 16.71 -2.13 65.80
N MET A 127 17.80 -1.85 65.09
CA MET A 127 19.09 -2.45 65.37
C MET A 127 19.65 -1.89 66.67
N PRO A 128 20.07 -2.75 67.60
CA PRO A 128 20.70 -2.26 68.83
C PRO A 128 22.07 -1.64 68.56
N ASP A 129 22.32 -0.48 69.16
CA ASP A 129 23.52 0.32 68.92
C ASP A 129 24.37 0.51 70.19
N MET B 1 31.84 -31.43 4.24
CA MET B 1 30.35 -31.47 4.20
C MET B 1 29.85 -31.72 2.75
N ASP B 2 28.57 -31.42 2.51
CA ASP B 2 27.99 -31.61 1.19
C ASP B 2 28.41 -30.54 0.19
N VAL B 3 28.44 -30.92 -1.08
CA VAL B 3 28.70 -30.02 -2.18
C VAL B 3 27.58 -30.26 -3.20
N PHE B 4 27.16 -29.20 -3.89
CA PHE B 4 26.06 -29.28 -4.85
C PHE B 4 26.55 -28.93 -6.25
N LEU B 5 26.18 -29.76 -7.23
CA LEU B 5 26.84 -29.74 -8.55
C LEU B 5 25.88 -29.71 -9.74
N MET B 6 26.33 -29.06 -10.80
CA MET B 6 25.76 -29.22 -12.14
C MET B 6 26.80 -29.96 -12.95
N ILE B 7 26.46 -31.18 -13.38
CA ILE B 7 27.33 -31.94 -14.29
C ILE B 7 26.81 -31.69 -15.70
N ARG B 8 27.69 -31.23 -16.59
CA ARG B 8 27.25 -30.66 -17.87
C ARG B 8 28.04 -31.14 -19.09
N ARG B 9 27.30 -31.43 -20.16
CA ARG B 9 27.88 -31.75 -21.48
C ARG B 9 26.90 -31.28 -22.55
N HIS B 10 27.42 -30.72 -23.64
CA HIS B 10 26.57 -30.30 -24.77
C HIS B 10 25.36 -29.52 -24.22
N LYS B 11 24.13 -29.97 -24.48
CA LYS B 11 22.91 -29.34 -23.94
C LYS B 11 22.27 -30.15 -22.82
N THR B 12 23.09 -30.95 -22.13
CA THR B 12 22.64 -31.77 -21.02
C THR B 12 23.19 -31.20 -19.74
N THR B 13 22.34 -31.10 -18.72
CA THR B 13 22.76 -30.63 -17.40
C THR B 13 22.10 -31.46 -16.29
N ILE B 14 22.93 -32.16 -15.53
CA ILE B 14 22.47 -32.97 -14.39
C ILE B 14 22.69 -32.23 -13.08
N PHE B 15 21.64 -32.15 -12.24
CA PHE B 15 21.77 -31.59 -10.91
C PHE B 15 21.91 -32.71 -9.90
N THR B 16 22.93 -32.63 -9.03
CA THR B 16 23.13 -33.63 -8.00
C THR B 16 24.00 -33.11 -6.86
N ASP B 17 23.86 -33.73 -5.69
CA ASP B 17 24.76 -33.43 -4.56
C ASP B 17 25.76 -34.56 -4.33
N ALA B 18 26.82 -34.26 -3.58
CA ALA B 18 27.80 -35.25 -3.14
C ALA B 18 28.59 -34.69 -1.94
N LYS B 19 29.67 -35.35 -1.54
CA LYS B 19 30.45 -34.89 -0.39
C LYS B 19 31.84 -34.48 -0.83
N GLU B 20 32.54 -33.72 0.00
CA GLU B 20 33.93 -33.36 -0.29
C GLU B 20 34.81 -34.61 -0.29
N SER B 21 34.45 -35.57 0.56
CA SER B 21 35.21 -36.82 0.71
C SER B 21 34.91 -37.83 -0.41
N SER B 22 33.86 -37.63 -1.18
CA SER B 22 33.54 -38.54 -2.28
C SER B 22 34.52 -38.31 -3.44
N THR B 23 34.66 -39.32 -4.31
CA THR B 23 35.67 -39.33 -5.36
C THR B 23 35.10 -39.05 -6.74
N VAL B 24 36.00 -38.81 -7.68
CA VAL B 24 35.65 -38.56 -9.06
C VAL B 24 35.00 -39.81 -9.66
N PHE B 25 35.54 -40.98 -9.35
CA PHE B 25 34.96 -42.23 -9.84
C PHE B 25 33.51 -42.40 -9.38
N GLU B 26 33.26 -42.07 -8.12
CA GLU B 26 31.91 -42.15 -7.53
C GLU B 26 30.93 -41.25 -8.26
N LEU B 27 31.44 -40.10 -8.70
CA LEU B 27 30.63 -39.15 -9.46
C LEU B 27 30.27 -39.73 -10.85
N LYS B 28 31.21 -40.44 -11.47
CA LYS B 28 30.95 -41.12 -12.73
C LYS B 28 29.90 -42.24 -12.61
N ARG B 29 29.81 -42.86 -11.44
CA ARG B 29 28.76 -43.87 -11.20
C ARG B 29 27.37 -43.27 -11.24
N ILE B 30 27.24 -42.06 -10.70
CA ILE B 30 25.97 -41.32 -10.80
C ILE B 30 25.60 -41.11 -12.26
N VAL B 31 26.57 -40.66 -13.05
CA VAL B 31 26.37 -40.42 -14.48
C VAL B 31 25.97 -41.71 -15.19
N GLU B 32 26.71 -42.79 -14.94
CA GLU B 32 26.39 -44.09 -15.53
C GLU B 32 24.93 -44.45 -15.33
N GLY B 33 24.46 -44.29 -14.10
CA GLY B 33 23.07 -44.56 -13.75
C GLY B 33 22.07 -43.79 -14.59
N ILE B 34 22.35 -42.51 -14.82
CA ILE B 34 21.43 -41.62 -15.52
C ILE B 34 21.54 -41.74 -17.05
N LEU B 35 22.77 -41.70 -17.56
CA LEU B 35 22.99 -41.60 -19.01
C LEU B 35 23.51 -42.88 -19.68
N LYS B 36 23.63 -43.98 -18.94
CA LYS B 36 23.97 -45.29 -19.52
C LYS B 36 25.37 -45.35 -20.14
N ARG B 37 26.36 -44.79 -19.45
CA ARG B 37 27.73 -44.78 -19.94
C ARG B 37 28.72 -45.09 -18.81
N PRO B 38 29.43 -46.24 -18.90
CA PRO B 38 30.31 -46.64 -17.80
C PRO B 38 31.47 -45.67 -17.57
N PRO B 39 32.06 -45.68 -16.36
CA PRO B 39 33.17 -44.80 -16.01
C PRO B 39 34.28 -44.72 -17.06
N ASP B 40 34.67 -45.86 -17.63
CA ASP B 40 35.78 -45.88 -18.60
C ASP B 40 35.48 -45.14 -19.92
N GLU B 41 34.21 -44.83 -20.16
CA GLU B 41 33.81 -44.00 -21.31
C GLU B 41 33.53 -42.54 -20.94
N GLN B 42 33.91 -42.14 -19.73
CA GLN B 42 33.64 -40.78 -19.24
C GLN B 42 34.94 -40.01 -18.94
N ARG B 43 34.88 -38.69 -19.09
CA ARG B 43 35.94 -37.79 -18.63
C ARG B 43 35.30 -36.61 -17.91
N LEU B 44 35.77 -36.32 -16.70
CA LEU B 44 35.25 -35.21 -15.89
C LEU B 44 36.26 -34.07 -15.72
N TYR B 45 35.77 -32.83 -15.73
CA TYR B 45 36.63 -31.64 -15.74
C TYR B 45 36.21 -30.58 -14.72
N LYS B 46 37.20 -29.90 -14.14
CA LYS B 46 36.97 -28.65 -13.45
C LYS B 46 37.64 -27.55 -14.24
N ASP B 47 36.83 -26.75 -14.94
CA ASP B 47 37.30 -25.81 -15.94
C ASP B 47 37.98 -26.62 -17.06
N ASP B 48 39.29 -26.46 -17.25
CA ASP B 48 40.02 -27.22 -18.27
C ASP B 48 40.84 -28.38 -17.70
N GLN B 49 40.81 -28.51 -16.38
CA GLN B 49 41.58 -29.54 -15.68
C GLN B 49 40.88 -30.90 -15.73
N LEU B 50 41.53 -31.88 -16.33
CA LEU B 50 41.07 -33.26 -16.29
C LEU B 50 41.22 -33.79 -14.87
N LEU B 51 40.19 -34.49 -14.38
CA LEU B 51 40.16 -34.99 -12.99
C LEU B 51 40.43 -36.49 -12.92
N ASP B 52 41.24 -36.89 -11.95
CA ASP B 52 41.64 -38.30 -11.77
C ASP B 52 40.63 -39.07 -10.93
N ASP B 53 40.30 -40.29 -11.36
CA ASP B 53 39.29 -41.12 -10.69
C ASP B 53 39.49 -41.27 -9.18
N GLY B 54 40.75 -41.36 -8.77
CA GLY B 54 41.10 -41.65 -7.37
C GLY B 54 41.07 -40.48 -6.39
N LYS B 55 41.02 -39.24 -6.89
CA LYS B 55 41.00 -38.05 -6.02
C LYS B 55 39.59 -37.67 -5.54
N THR B 56 39.52 -37.05 -4.37
CA THR B 56 38.25 -36.60 -3.81
C THR B 56 37.90 -35.24 -4.39
N LEU B 57 36.62 -34.85 -4.24
CA LEU B 57 36.18 -33.58 -4.79
C LEU B 57 36.86 -32.41 -4.08
N GLY B 58 37.01 -32.51 -2.77
CA GLY B 58 37.77 -31.53 -1.99
C GLY B 58 39.18 -31.32 -2.53
N GLU B 59 39.85 -32.40 -2.89
CA GLU B 59 41.20 -32.32 -3.44
C GLU B 59 41.25 -31.69 -4.83
N CYS B 60 40.17 -31.83 -5.60
CA CYS B 60 40.04 -31.15 -6.89
C CYS B 60 39.69 -29.65 -6.78
N GLY B 61 39.33 -29.20 -5.57
CA GLY B 61 39.03 -27.79 -5.32
C GLY B 61 37.57 -27.42 -5.08
N PHE B 62 36.67 -28.41 -5.11
CA PHE B 62 35.25 -28.17 -4.82
C PHE B 62 35.02 -28.14 -3.30
N THR B 63 34.58 -26.98 -2.76
CA THR B 63 34.23 -26.88 -1.33
C THR B 63 32.75 -26.51 -1.15
N SER B 64 32.22 -26.85 0.01
CA SER B 64 30.81 -26.54 0.33
C SER B 64 30.48 -25.04 0.27
N GLN B 65 31.49 -24.20 0.50
CA GLN B 65 31.31 -22.75 0.44
C GLN B 65 31.14 -22.22 -0.99
N THR B 66 31.71 -22.92 -1.97
CA THR B 66 31.63 -22.49 -3.39
C THR B 66 30.75 -23.43 -4.23
N ALA B 67 30.04 -24.35 -3.58
CA ALA B 67 29.16 -25.30 -4.28
C ALA B 67 27.84 -25.44 -3.51
N ARG B 68 27.08 -24.35 -3.45
CA ARG B 68 25.88 -24.29 -2.64
C ARG B 68 24.61 -24.70 -3.41
N PRO B 69 23.55 -25.13 -2.70
CA PRO B 69 22.29 -25.52 -3.33
C PRO B 69 21.74 -24.48 -4.30
N GLN B 70 21.78 -23.21 -3.89
CA GLN B 70 21.28 -22.10 -4.70
C GLN B 70 22.27 -21.55 -5.72
N ALA B 71 23.52 -22.01 -5.66
CA ALA B 71 24.56 -21.61 -6.62
C ALA B 71 25.56 -22.76 -6.80
N PRO B 72 25.12 -23.85 -7.44
CA PRO B 72 25.94 -25.04 -7.56
C PRO B 72 27.15 -24.85 -8.47
N ALA B 73 28.20 -25.64 -8.22
CA ALA B 73 29.43 -25.60 -9.00
C ALA B 73 29.32 -26.52 -10.21
N THR B 74 30.07 -26.18 -11.26
CA THR B 74 29.96 -26.86 -12.56
C THR B 74 31.08 -27.89 -12.74
N VAL B 75 30.71 -29.06 -13.25
CA VAL B 75 31.65 -30.10 -13.63
C VAL B 75 31.43 -30.44 -15.10
N GLY B 76 32.49 -30.36 -15.89
CA GLY B 76 32.39 -30.68 -17.32
C GLY B 76 32.43 -32.18 -17.58
N LEU B 77 31.75 -32.62 -18.63
CA LEU B 77 31.69 -34.05 -18.98
C LEU B 77 31.91 -34.27 -20.48
N ALA B 78 32.74 -35.26 -20.80
CA ALA B 78 33.01 -35.65 -22.19
C ALA B 78 32.97 -37.18 -22.33
N PHE B 79 32.38 -37.66 -23.42
CA PHE B 79 32.29 -39.10 -23.72
C PHE B 79 33.34 -39.52 -24.72
N ARG B 80 33.50 -40.84 -24.85
CA ARG B 80 34.40 -41.44 -25.83
C ARG B 80 33.58 -42.16 -26.89
N ALA B 81 33.81 -41.81 -28.15
CA ALA B 81 33.25 -42.56 -29.27
C ALA B 81 34.40 -43.17 -30.06
N ASP B 82 34.31 -44.48 -30.33
CA ASP B 82 35.25 -45.17 -31.22
C ASP B 82 36.72 -45.07 -30.77
N ASP B 83 36.96 -45.27 -29.47
CA ASP B 83 38.31 -45.36 -28.90
C ASP B 83 39.11 -44.04 -28.94
N THR B 84 38.42 -42.90 -28.89
CA THR B 84 39.07 -41.58 -28.84
C THR B 84 38.11 -40.55 -28.25
N PHE B 85 38.57 -39.89 -27.18
CA PHE B 85 37.72 -38.96 -26.44
C PHE B 85 37.48 -37.66 -27.20
N GLU B 86 36.21 -37.24 -27.25
CA GLU B 86 35.83 -35.97 -27.87
C GLU B 86 36.34 -34.78 -27.06
N ALA B 87 36.45 -33.63 -27.72
CA ALA B 87 36.80 -32.39 -27.04
C ALA B 87 35.67 -31.94 -26.10
N LEU B 88 36.05 -31.42 -24.94
CA LEU B 88 35.10 -30.90 -23.96
C LEU B 88 34.34 -29.73 -24.57
N CYS B 89 33.02 -29.73 -24.40
CA CYS B 89 32.17 -28.68 -24.98
C CYS B 89 30.84 -28.53 -24.25
N ILE B 90 30.63 -27.36 -23.64
CA ILE B 90 29.40 -27.05 -22.90
C ILE B 90 28.66 -25.91 -23.59
N GLU B 91 27.47 -26.20 -24.14
CA GLU B 91 26.65 -25.17 -24.78
C GLU B 91 26.16 -24.17 -23.74
N PRO B 92 26.38 -22.87 -23.98
CA PRO B 92 25.91 -21.87 -22.99
C PRO B 92 24.40 -21.76 -22.92
N PHE B 93 23.90 -21.26 -21.80
CA PHE B 93 22.47 -20.96 -21.66
C PHE B 93 22.16 -19.71 -22.45
N SER B 94 20.88 -19.42 -22.61
CA SER B 94 20.43 -18.21 -23.29
C SER B 94 20.80 -16.94 -22.49
N SER B 95 20.68 -15.78 -23.12
CA SER B 95 21.00 -14.51 -22.45
C SER B 95 19.73 -13.80 -21.97
N PRO B 96 19.77 -13.19 -20.77
CA PRO B 96 18.62 -12.38 -20.36
C PRO B 96 18.44 -11.16 -21.26
N PRO B 97 17.20 -10.69 -21.42
CA PRO B 97 16.96 -9.48 -22.20
C PRO B 97 17.50 -8.22 -21.54
N GLU B 98 17.48 -7.10 -22.27
CA GLU B 98 17.91 -5.84 -21.68
C GLU B 98 16.94 -5.49 -20.56
N LEU B 99 17.47 -4.81 -19.56
CA LEU B 99 16.69 -4.40 -18.40
C LEU B 99 15.72 -3.28 -18.83
N PRO B 100 14.40 -3.43 -18.56
CA PRO B 100 13.42 -2.39 -18.88
C PRO B 100 13.72 -1.03 -18.22
N ASP B 101 13.30 0.06 -18.87
CA ASP B 101 13.58 1.41 -18.38
C ASP B 101 13.22 1.63 -16.90
N VAL B 102 12.03 1.17 -16.49
CA VAL B 102 11.58 1.38 -15.12
C VAL B 102 12.34 0.55 -14.06
N MET B 103 13.11 -0.46 -14.49
CA MET B 103 13.98 -1.23 -13.59
C MET B 103 15.45 -0.78 -13.62
N LYS B 104 15.76 0.29 -14.37
CA LYS B 104 17.11 0.83 -14.40
C LYS B 104 17.32 1.81 -13.26
N MET C 1 17.46 -42.95 -6.91
CA MET C 1 16.24 -42.11 -7.03
C MET C 1 15.81 -42.02 -8.49
N MET C 2 14.50 -41.91 -8.72
CA MET C 2 13.96 -41.62 -10.03
C MET C 2 14.33 -40.18 -10.39
N TYR C 3 14.65 -39.97 -11.66
CA TYR C 3 14.94 -38.64 -12.19
C TYR C 3 13.88 -38.27 -13.21
N VAL C 4 13.76 -36.98 -13.49
CA VAL C 4 12.93 -36.48 -14.60
C VAL C 4 13.71 -35.50 -15.46
N LYS C 5 13.30 -35.38 -16.71
CA LYS C 5 13.94 -34.48 -17.66
C LYS C 5 13.08 -33.27 -17.94
N LEU C 6 13.59 -32.09 -17.60
CA LEU C 6 12.93 -30.83 -17.90
C LEU C 6 13.65 -30.17 -19.08
N ILE C 7 12.91 -29.92 -20.16
CA ILE C 7 13.48 -29.40 -21.41
C ILE C 7 12.98 -27.98 -21.69
N SER C 8 13.90 -27.06 -21.92
CA SER C 8 13.55 -25.65 -22.13
C SER C 8 13.20 -25.39 -23.59
N SER C 9 12.73 -24.18 -23.88
CA SER C 9 12.35 -23.77 -25.23
C SER C 9 13.53 -23.82 -26.20
N ASP C 10 14.73 -23.50 -25.72
CA ASP C 10 15.94 -23.52 -26.56
C ASP C 10 16.67 -24.87 -26.56
N GLY C 11 15.95 -25.95 -26.21
CA GLY C 11 16.48 -27.31 -26.33
C GLY C 11 17.54 -27.73 -25.33
N HIS C 12 17.51 -27.17 -24.12
CA HIS C 12 18.42 -27.59 -23.05
C HIS C 12 17.75 -28.63 -22.15
N GLU C 13 18.43 -29.73 -21.91
CA GLU C 13 17.90 -30.79 -21.06
C GLU C 13 18.45 -30.71 -19.63
N PHE C 14 17.55 -30.58 -18.66
CA PHE C 14 17.91 -30.52 -17.25
C PHE C 14 17.39 -31.77 -16.56
N ILE C 15 18.27 -32.52 -15.90
CA ILE C 15 17.90 -33.78 -15.25
C ILE C 15 18.00 -33.64 -13.74
N VAL C 16 16.85 -33.73 -13.07
CA VAL C 16 16.77 -33.59 -11.61
C VAL C 16 15.98 -34.74 -10.99
N LYS C 17 16.15 -34.94 -9.69
CA LYS C 17 15.41 -35.97 -8.96
C LYS C 17 13.92 -35.68 -9.09
N ARG C 18 13.11 -36.73 -9.20
CA ARG C 18 11.65 -36.57 -9.26
C ARG C 18 11.16 -35.77 -8.04
N GLU C 19 11.58 -36.17 -6.84
CA GLU C 19 11.18 -35.53 -5.59
C GLU C 19 11.39 -34.00 -5.59
N HIS C 20 12.48 -33.54 -6.21
CA HIS C 20 12.80 -32.12 -6.27
C HIS C 20 11.83 -31.38 -7.20
N ALA C 21 11.55 -31.98 -8.36
CA ALA C 21 10.64 -31.42 -9.34
C ALA C 21 9.20 -31.35 -8.82
N LEU C 22 8.83 -32.25 -7.91
CA LEU C 22 7.48 -32.26 -7.33
C LEU C 22 7.18 -31.06 -6.41
N THR C 23 8.20 -30.26 -6.13
CA THR C 23 8.02 -28.96 -5.48
C THR C 23 7.04 -28.07 -6.23
N SER C 24 7.07 -28.14 -7.56
CA SER C 24 6.13 -27.42 -8.42
C SER C 24 4.78 -28.14 -8.52
N GLY C 25 3.70 -27.40 -8.26
CA GLY C 25 2.36 -27.96 -8.33
C GLY C 25 1.96 -28.34 -9.74
N THR C 26 2.36 -27.51 -10.70
CA THR C 26 2.05 -27.72 -12.12
C THR C 26 2.68 -29.01 -12.65
N ILE C 27 3.92 -29.30 -12.25
CA ILE C 27 4.61 -30.53 -12.68
C ILE C 27 4.01 -31.76 -12.00
N LYS C 28 3.85 -31.69 -10.69
CA LYS C 28 3.19 -32.74 -9.91
C LYS C 28 1.92 -33.26 -10.61
N ALA C 29 1.11 -32.34 -11.13
CA ALA C 29 -0.13 -32.67 -11.83
C ALA C 29 0.13 -33.37 -13.15
N MET C 30 1.12 -32.88 -13.89
CA MET C 30 1.48 -33.45 -15.19
C MET C 30 1.92 -34.91 -15.06
N LEU C 31 2.85 -35.18 -14.15
CA LEU C 31 3.47 -36.51 -14.04
C LEU C 31 2.51 -37.60 -13.51
N SER C 32 1.85 -37.33 -12.39
CA SER C 32 0.92 -38.29 -11.81
C SER C 32 -0.47 -38.18 -12.45
N ASN C 43 7.71 -39.12 -17.08
CA ASN C 43 9.16 -39.17 -16.98
C ASN C 43 9.89 -37.99 -17.63
N GLU C 44 9.32 -37.44 -18.70
CA GLU C 44 9.93 -36.34 -19.48
C GLU C 44 8.90 -35.22 -19.66
N VAL C 45 9.34 -33.96 -19.59
CA VAL C 45 8.43 -32.80 -19.65
C VAL C 45 9.03 -31.61 -20.39
N ASN C 46 8.29 -31.08 -21.36
CA ASN C 46 8.76 -30.00 -22.22
C ASN C 46 8.04 -28.67 -21.94
N PHE C 47 8.82 -27.61 -21.73
CA PHE C 47 8.30 -26.26 -21.55
C PHE C 47 8.67 -25.40 -22.76
N ARG C 48 7.73 -25.27 -23.69
CA ARG C 48 7.99 -24.62 -24.96
C ARG C 48 8.15 -23.08 -24.89
N GLU C 49 7.88 -22.48 -23.74
CA GLU C 49 7.96 -21.02 -23.59
C GLU C 49 9.00 -20.51 -22.57
N ILE C 50 9.56 -21.40 -21.74
CA ILE C 50 10.56 -21.02 -20.71
C ILE C 50 11.98 -21.34 -21.20
N PRO C 51 12.88 -20.33 -21.22
CA PRO C 51 14.25 -20.53 -21.73
C PRO C 51 15.25 -20.99 -20.66
N SER C 52 16.39 -21.50 -21.12
CA SER C 52 17.36 -22.18 -20.26
C SER C 52 17.88 -21.33 -19.11
N HIS C 53 18.14 -20.05 -19.36
CA HIS C 53 18.65 -19.18 -18.30
C HIS C 53 17.64 -18.97 -17.18
N VAL C 54 16.35 -19.19 -17.49
CA VAL C 54 15.31 -19.19 -16.46
C VAL C 54 15.16 -20.58 -15.83
N LEU C 55 14.95 -21.59 -16.67
CA LEU C 55 14.67 -22.94 -16.17
C LEU C 55 15.82 -23.51 -15.31
N SER C 56 17.06 -23.14 -15.63
CA SER C 56 18.21 -23.57 -14.83
C SER C 56 18.08 -23.01 -13.42
N LYS C 57 17.70 -21.73 -13.33
CA LYS C 57 17.49 -21.07 -12.05
C LYS C 57 16.37 -21.75 -11.22
N VAL C 58 15.32 -22.20 -11.90
CA VAL C 58 14.21 -22.87 -11.23
C VAL C 58 14.71 -24.14 -10.53
N CYS C 59 15.50 -24.93 -11.26
CA CYS C 59 16.03 -26.17 -10.72
C CYS C 59 16.89 -25.94 -9.46
N MET C 60 17.64 -24.84 -9.45
CA MET C 60 18.42 -24.46 -8.26
C MET C 60 17.47 -24.22 -7.09
N TYR C 61 16.35 -23.54 -7.36
CA TYR C 61 15.35 -23.31 -6.31
C TYR C 61 14.86 -24.62 -5.72
N PHE C 62 14.63 -25.63 -6.55
CA PHE C 62 14.20 -26.93 -6.05
C PHE C 62 15.23 -27.50 -5.06
N THR C 63 16.50 -27.49 -5.45
CA THR C 63 17.58 -27.96 -4.58
C THR C 63 17.58 -27.21 -3.24
N TYR C 64 17.36 -25.89 -3.32
CA TYR C 64 17.37 -25.02 -2.14
C TYR C 64 16.19 -25.36 -1.21
N LYS C 65 15.00 -25.46 -1.79
CA LYS C 65 13.78 -25.75 -1.04
C LYS C 65 13.85 -27.09 -0.30
N VAL C 66 14.30 -28.12 -1.01
CA VAL C 66 14.38 -29.46 -0.43
C VAL C 66 15.45 -29.52 0.66
N ARG C 67 16.55 -28.79 0.46
CA ARG C 67 17.64 -28.78 1.43
C ARG C 67 17.30 -28.05 2.72
N TYR C 68 16.60 -26.93 2.63
CA TYR C 68 16.40 -26.07 3.81
C TYR C 68 15.00 -26.11 4.46
N THR C 69 14.06 -26.83 3.88
CA THR C 69 12.77 -27.08 4.53
C THR C 69 13.00 -28.05 5.68
N ASN C 70 12.47 -27.72 6.86
CA ASN C 70 12.69 -28.51 8.10
C ASN C 70 14.16 -28.59 8.54
N SER C 71 14.97 -27.64 8.10
CA SER C 71 16.34 -27.52 8.57
C SER C 71 16.30 -26.64 9.82
N SER C 72 17.07 -27.02 10.85
CA SER C 72 17.22 -26.17 12.04
C SER C 72 18.51 -25.32 11.99
N THR C 73 19.30 -25.51 10.94
CA THR C 73 20.37 -24.58 10.58
C THR C 73 19.73 -23.29 10.10
N GLU C 74 20.41 -22.16 10.33
CA GLU C 74 19.97 -20.88 9.75
C GLU C 74 20.04 -20.97 8.23
N ILE C 75 19.17 -20.21 7.58
CA ILE C 75 18.90 -20.34 6.14
C ILE C 75 19.42 -19.09 5.39
N PRO C 76 20.16 -19.31 4.29
CA PRO C 76 20.66 -18.17 3.53
C PRO C 76 19.64 -17.65 2.50
N GLU C 77 19.88 -16.45 2.01
CA GLU C 77 19.01 -15.84 1.02
C GLU C 77 19.11 -16.57 -0.30
N PHE C 78 17.98 -16.76 -0.98
CA PHE C 78 18.00 -17.19 -2.38
C PHE C 78 18.21 -15.96 -3.30
N PRO C 79 19.39 -15.87 -3.96
CA PRO C 79 19.72 -14.71 -4.81
C PRO C 79 19.07 -14.74 -6.19
N ILE C 80 18.60 -13.58 -6.64
CA ILE C 80 18.03 -13.42 -7.98
C ILE C 80 18.57 -12.13 -8.60
N ALA C 81 19.28 -12.25 -9.71
CA ALA C 81 19.85 -11.09 -10.39
C ALA C 81 18.74 -10.24 -11.02
N PRO C 82 18.86 -8.90 -10.93
CA PRO C 82 17.85 -7.99 -11.50
C PRO C 82 17.35 -8.36 -12.90
N GLU C 83 18.26 -8.71 -13.80
CA GLU C 83 17.90 -8.92 -15.20
C GLU C 83 17.18 -10.25 -15.50
N ILE C 84 17.06 -11.15 -14.52
CA ILE C 84 16.23 -12.37 -14.69
C ILE C 84 14.94 -12.38 -13.88
N ALA C 85 14.76 -11.38 -13.01
CA ALA C 85 13.66 -11.33 -12.06
C ALA C 85 12.25 -11.35 -12.67
N LEU C 86 12.05 -10.58 -13.74
CA LEU C 86 10.73 -10.51 -14.37
C LEU C 86 10.31 -11.87 -14.92
N GLU C 87 11.20 -12.48 -15.70
CA GLU C 87 10.90 -13.79 -16.29
C GLU C 87 10.76 -14.90 -15.23
N LEU C 88 11.57 -14.84 -14.18
CA LEU C 88 11.51 -15.88 -13.14
C LEU C 88 10.20 -15.82 -12.34
N LEU C 89 9.70 -14.60 -12.17
CA LEU C 89 8.40 -14.37 -11.54
C LEU C 89 7.26 -14.99 -12.36
N MET C 90 7.30 -14.81 -13.68
CA MET C 90 6.30 -15.40 -14.57
C MET C 90 6.37 -16.93 -14.55
N ALA C 91 7.58 -17.47 -14.60
CA ALA C 91 7.78 -18.91 -14.53
C ALA C 91 7.26 -19.48 -13.21
N ALA C 92 7.59 -18.83 -12.11
CA ALA C 92 7.18 -19.27 -10.78
C ALA C 92 5.67 -19.35 -10.66
N ASN C 93 5.01 -18.28 -11.12
CA ASN C 93 3.56 -18.21 -11.07
C ASN C 93 2.91 -19.28 -11.95
N PHE C 94 3.47 -19.47 -13.14
CA PHE C 94 2.99 -20.50 -14.07
C PHE C 94 3.21 -21.92 -13.55
N LEU C 95 4.32 -22.13 -12.85
CA LEU C 95 4.67 -23.44 -12.28
C LEU C 95 4.08 -23.70 -10.89
N ASP C 96 3.55 -22.66 -10.24
CA ASP C 96 3.01 -22.77 -8.88
C ASP C 96 4.06 -23.35 -7.91
N CYS C 97 5.12 -22.61 -7.67
CA CYS C 97 6.15 -22.98 -6.71
C CYS C 97 6.79 -21.74 -6.06
N PRO D 10 -8.84 -6.88 21.37
CA PRO D 10 -8.82 -8.05 20.50
C PRO D 10 -8.29 -9.30 21.21
N VAL D 11 -8.15 -10.38 20.46
CA VAL D 11 -7.71 -11.65 21.01
C VAL D 11 -6.19 -11.65 21.18
N LEU D 12 -5.46 -11.33 20.10
CA LEU D 12 -3.99 -11.29 20.14
C LEU D 12 -3.52 -9.99 20.76
N ARG D 13 -3.00 -10.10 21.99
CA ARG D 13 -2.50 -8.95 22.73
C ARG D 13 -1.68 -9.38 23.93
N SER D 14 -0.80 -8.49 24.38
CA SER D 14 0.00 -8.74 25.57
C SER D 14 -0.85 -8.71 26.83
N VAL D 15 -0.43 -9.48 27.82
CA VAL D 15 -1.03 -9.44 29.14
C VAL D 15 -0.26 -8.43 29.97
N ASN D 16 -0.97 -7.59 30.71
CA ASN D 16 -0.32 -6.62 31.56
C ASN D 16 0.07 -7.23 32.92
N SER D 17 1.03 -8.16 32.87
CA SER D 17 1.43 -8.95 34.05
C SER D 17 2.36 -8.21 35.02
N ARG D 18 3.24 -7.36 34.50
CA ARG D 18 4.29 -6.71 35.30
C ARG D 18 5.21 -7.71 36.01
N GLU D 19 5.36 -8.91 35.43
CA GLU D 19 6.28 -9.92 35.92
C GLU D 19 7.47 -9.99 34.96
N PRO D 20 8.70 -9.94 35.48
CA PRO D 20 9.86 -9.78 34.62
C PRO D 20 10.24 -11.01 33.82
N SER D 21 10.85 -10.78 32.66
CA SER D 21 11.35 -11.84 31.80
C SER D 21 12.57 -11.34 31.00
N GLN D 22 13.75 -11.91 31.30
CA GLN D 22 14.97 -11.57 30.55
C GLN D 22 15.05 -12.39 29.30
N VAL D 23 15.30 -11.70 28.18
CA VAL D 23 15.25 -12.31 26.86
C VAL D 23 16.49 -11.90 26.06
N ILE D 24 16.89 -12.75 25.12
CA ILE D 24 17.93 -12.42 24.15
C ILE D 24 17.36 -12.44 22.74
N PHE D 25 17.36 -11.27 22.08
CA PHE D 25 16.99 -11.19 20.67
C PHE D 25 18.27 -11.40 19.90
N CYS D 26 18.24 -12.32 18.93
CA CYS D 26 19.41 -12.64 18.15
C CYS D 26 19.03 -12.81 16.69
N ASN D 27 19.59 -11.96 15.83
CA ASN D 27 19.23 -11.94 14.42
C ASN D 27 20.19 -12.75 13.60
N ARG D 28 19.78 -13.98 13.29
CA ARG D 28 20.53 -14.86 12.40
C ARG D 28 19.86 -14.93 11.00
N SER D 29 19.41 -13.78 10.49
CA SER D 29 19.00 -13.61 9.11
C SER D 29 19.93 -12.58 8.44
N PRO D 30 19.87 -12.47 7.11
CA PRO D 30 20.62 -11.42 6.43
C PRO D 30 19.90 -10.06 6.36
N ARG D 31 18.66 -9.99 6.86
CA ARG D 31 17.89 -8.75 6.82
C ARG D 31 18.14 -7.94 8.09
N VAL D 32 17.88 -6.63 7.99
CA VAL D 32 17.80 -5.78 9.17
C VAL D 32 16.43 -5.98 9.78
N VAL D 33 16.41 -6.38 11.06
CA VAL D 33 15.17 -6.83 11.71
C VAL D 33 14.49 -5.74 12.52
N LEU D 34 13.17 -5.65 12.39
CA LEU D 34 12.33 -4.79 13.22
C LEU D 34 11.52 -5.65 14.17
N PRO D 35 11.79 -5.54 15.47
CA PRO D 35 10.92 -6.22 16.42
C PRO D 35 9.63 -5.43 16.57
N VAL D 36 8.49 -6.13 16.67
CA VAL D 36 7.20 -5.49 16.84
C VAL D 36 6.53 -6.04 18.09
N TRP D 37 6.14 -5.15 19.01
CA TRP D 37 5.47 -5.54 20.26
C TRP D 37 3.98 -5.26 20.16
N LEU D 38 3.15 -6.25 20.45
CA LEU D 38 1.70 -6.05 20.49
C LEU D 38 1.30 -5.61 21.88
N ASN D 39 0.67 -4.45 22.02
CA ASN D 39 0.40 -3.89 23.34
C ASN D 39 -0.86 -4.50 24.01
N PHE D 40 -1.31 -3.90 25.11
CA PHE D 40 -2.44 -4.44 25.86
C PHE D 40 -3.77 -4.29 25.11
N ASP D 41 -3.84 -3.35 24.17
CA ASP D 41 -4.99 -3.22 23.24
C ASP D 41 -4.76 -3.89 21.88
N GLY D 42 -3.74 -4.74 21.75
CA GLY D 42 -3.46 -5.43 20.51
C GLY D 42 -2.84 -4.60 19.40
N GLU D 43 -2.45 -3.36 19.70
CA GLU D 43 -1.85 -2.46 18.69
C GLU D 43 -0.34 -2.73 18.56
N PRO D 44 0.15 -2.88 17.32
CA PRO D 44 1.59 -3.15 17.14
C PRO D 44 2.44 -1.92 17.40
N GLN D 45 3.50 -2.10 18.18
CA GLN D 45 4.41 -1.02 18.53
C GLN D 45 5.80 -1.41 18.05
N PRO D 46 6.42 -0.56 17.21
CA PRO D 46 7.74 -0.88 16.73
C PRO D 46 8.82 -0.59 17.77
N TYR D 47 9.88 -1.39 17.76
CA TYR D 47 11.03 -1.23 18.65
C TYR D 47 12.30 -0.99 17.82
N PRO D 48 13.42 -0.63 18.45
CA PRO D 48 14.67 -0.42 17.69
C PRO D 48 15.12 -1.64 16.88
N THR D 49 15.79 -1.40 15.77
CA THR D 49 16.14 -2.47 14.85
C THR D 49 17.47 -3.15 15.18
N LEU D 50 17.61 -4.39 14.70
CA LEU D 50 18.80 -5.20 14.88
C LEU D 50 19.47 -5.48 13.53
N PRO D 51 20.72 -5.04 13.35
CA PRO D 51 21.44 -5.42 12.13
C PRO D 51 21.75 -6.92 12.08
N PRO D 52 21.98 -7.48 10.88
CA PRO D 52 22.23 -8.92 10.71
C PRO D 52 23.45 -9.43 11.49
N GLY D 53 23.29 -10.55 12.18
CA GLY D 53 24.35 -11.13 12.97
C GLY D 53 24.49 -10.55 14.37
N THR D 54 23.69 -9.55 14.74
CA THR D 54 23.81 -8.93 16.06
C THR D 54 22.79 -9.49 17.03
N GLY D 55 23.10 -9.42 18.32
CA GLY D 55 22.17 -9.79 19.38
C GLY D 55 22.29 -8.84 20.56
N ARG D 56 21.35 -8.95 21.49
CA ARG D 56 21.33 -8.06 22.63
C ARG D 56 20.34 -8.56 23.70
N ARG D 57 20.62 -8.19 24.93
CA ARG D 57 19.74 -8.53 26.03
C ARG D 57 18.50 -7.64 26.00
N ILE D 58 17.36 -8.20 26.41
CA ILE D 58 16.07 -7.54 26.31
C ILE D 58 15.24 -7.77 27.57
N HIS D 59 14.73 -6.69 28.14
CA HIS D 59 13.80 -6.81 29.26
C HIS D 59 12.37 -6.72 28.78
N SER D 60 11.63 -7.83 28.94
CA SER D 60 10.21 -7.92 28.60
C SER D 60 9.47 -8.46 29.81
N TYR D 61 8.21 -8.88 29.62
CA TYR D 61 7.37 -9.35 30.74
C TYR D 61 6.57 -10.58 30.37
N ARG D 62 6.14 -11.35 31.37
CA ARG D 62 5.41 -12.59 31.12
C ARG D 62 4.12 -12.32 30.36
N GLY D 63 3.85 -13.13 29.34
CA GLY D 63 2.61 -13.05 28.57
C GLY D 63 2.57 -11.94 27.53
N HIS D 64 3.73 -11.40 27.17
CA HIS D 64 3.83 -10.34 26.15
C HIS D 64 4.05 -10.96 24.77
N LEU D 65 3.32 -10.49 23.76
CA LEU D 65 3.44 -11.04 22.39
C LEU D 65 4.39 -10.21 21.54
N TRP D 66 5.27 -10.90 20.79
CA TRP D 66 6.19 -10.26 19.84
C TRP D 66 6.13 -10.93 18.48
N LEU D 67 6.40 -10.15 17.42
CA LEU D 67 6.70 -10.72 16.10
C LEU D 67 7.82 -9.93 15.44
N PHE D 68 8.31 -10.41 14.30
CA PHE D 68 9.53 -9.85 13.71
C PHE D 68 9.46 -9.72 12.18
N ARG D 69 9.94 -8.58 11.67
CA ARG D 69 9.82 -8.25 10.25
C ARG D 69 11.09 -7.62 9.70
N ASP D 70 11.24 -7.64 8.38
CA ASP D 70 12.29 -6.88 7.68
C ASP D 70 11.97 -5.39 7.76
N ALA D 71 12.92 -4.61 8.29
CA ALA D 71 12.69 -3.20 8.60
C ALA D 71 12.45 -2.30 7.38
N GLY D 72 12.95 -2.70 6.21
CA GLY D 72 12.82 -1.90 4.99
C GLY D 72 11.61 -2.28 4.14
N THR D 73 11.31 -3.58 4.08
CA THR D 73 10.30 -4.12 3.16
C THR D 73 9.04 -4.68 3.83
N HIS D 74 9.11 -4.94 5.14
CA HIS D 74 8.02 -5.57 5.92
C HIS D 74 7.83 -7.09 5.65
N ASP D 75 8.77 -7.73 4.96
CA ASP D 75 8.72 -9.18 4.79
C ASP D 75 8.72 -9.85 6.19
N GLY D 76 7.82 -10.80 6.39
CA GLY D 76 7.73 -11.53 7.64
C GLY D 76 8.92 -12.46 7.84
N LEU D 77 9.32 -12.63 9.11
CA LEU D 77 10.44 -13.49 9.50
C LEU D 77 9.97 -14.46 10.57
N LEU D 78 10.78 -15.46 10.89
CA LEU D 78 10.43 -16.41 11.94
C LEU D 78 11.22 -16.16 13.22
N VAL D 79 10.68 -16.64 14.34
CA VAL D 79 11.33 -16.58 15.64
C VAL D 79 11.17 -17.94 16.31
N ASN D 80 12.29 -18.61 16.59
CA ASN D 80 12.27 -19.97 17.10
C ASN D 80 11.34 -20.89 16.29
N GLN D 81 11.54 -20.85 14.98
CA GLN D 81 10.81 -21.66 13.98
C GLN D 81 9.32 -21.36 13.81
N THR D 82 8.82 -20.29 14.42
CA THR D 82 7.39 -19.98 14.36
C THR D 82 7.14 -18.46 14.19
N GLU D 83 5.89 -18.03 14.14
CA GLU D 83 5.55 -16.64 13.79
C GLU D 83 5.50 -15.68 14.99
N LEU D 84 4.91 -16.13 16.10
CA LEU D 84 4.83 -15.34 17.34
C LEU D 84 5.81 -15.82 18.42
N PHE D 85 6.16 -14.92 19.33
CA PHE D 85 7.02 -15.23 20.49
C PHE D 85 6.38 -14.74 21.79
N VAL D 86 6.27 -15.63 22.78
CA VAL D 86 5.78 -15.26 24.13
C VAL D 86 6.75 -15.74 25.22
N PRO D 87 7.35 -14.78 25.98
CA PRO D 87 8.28 -15.17 27.03
C PRO D 87 7.62 -15.79 28.25
N SER D 88 8.28 -16.81 28.79
CA SER D 88 7.91 -17.40 30.08
C SER D 88 8.57 -16.59 31.22
N LEU D 89 8.32 -16.99 32.46
CA LEU D 89 9.15 -16.53 33.58
C LEU D 89 10.46 -17.30 33.52
N ASN D 90 11.53 -16.68 34.04
CA ASN D 90 12.84 -17.32 34.01
C ASN D 90 12.93 -18.48 34.99
N VAL D 91 13.93 -19.33 34.79
CA VAL D 91 14.22 -20.40 35.71
C VAL D 91 15.67 -20.22 36.15
N ASP D 92 15.88 -20.00 37.45
CA ASP D 92 17.21 -19.77 38.03
C ASP D 92 17.97 -18.69 37.27
N GLY D 93 17.29 -17.59 36.97
CA GLY D 93 17.90 -16.46 36.24
C GLY D 93 18.55 -16.78 34.90
N GLN D 94 18.10 -17.86 34.25
CA GLN D 94 18.57 -18.22 32.92
C GLN D 94 17.81 -17.41 31.88
N PRO D 95 18.51 -16.75 30.95
CA PRO D 95 17.79 -16.00 29.91
C PRO D 95 16.94 -16.90 29.01
N ILE D 96 15.89 -16.33 28.43
CA ILE D 96 15.10 -17.01 27.41
C ILE D 96 15.62 -16.55 26.05
N PHE D 97 15.88 -17.48 25.13
CA PHE D 97 16.49 -17.15 23.84
C PHE D 97 15.44 -17.07 22.71
N ALA D 98 15.59 -16.03 21.87
CA ALA D 98 14.72 -15.83 20.72
C ALA D 98 15.57 -15.72 19.46
N ASN D 99 15.57 -16.79 18.67
CA ASN D 99 16.41 -16.94 17.49
C ASN D 99 15.64 -16.54 16.22
N ILE D 100 16.10 -15.49 15.55
CA ILE D 100 15.35 -14.92 14.43
C ILE D 100 15.98 -15.31 13.09
N THR D 101 15.15 -15.83 12.17
CA THR D 101 15.62 -16.42 10.93
C THR D 101 14.73 -16.16 9.71
N LEU D 102 15.30 -16.32 8.52
CA LEU D 102 14.54 -16.33 7.26
C LEU D 102 13.69 -17.56 7.19
N PRO D 103 12.45 -17.42 6.69
CA PRO D 103 11.68 -18.60 6.33
C PRO D 103 12.06 -19.03 4.92
N VAL D 104 11.67 -20.23 4.52
CA VAL D 104 11.88 -20.69 3.16
C VAL D 104 10.72 -20.17 2.35
N TYR D 105 10.90 -19.03 1.69
CA TYR D 105 9.83 -18.47 0.86
C TYR D 105 9.61 -19.33 -0.39
N THR D 106 8.43 -19.19 -0.97
CA THR D 106 8.16 -19.75 -2.29
C THR D 106 8.98 -18.97 -3.31
N LEU D 107 9.23 -19.57 -4.47
CA LEU D 107 9.93 -18.88 -5.54
C LEU D 107 9.12 -17.67 -6.02
N LYS D 108 7.80 -17.80 -6.07
CA LYS D 108 6.94 -16.71 -6.48
C LYS D 108 7.09 -15.50 -5.56
N GLU D 109 6.92 -15.73 -4.26
CA GLU D 109 7.00 -14.64 -3.28
C GLU D 109 8.39 -14.01 -3.27
N ARG D 110 9.41 -14.83 -3.50
CA ARG D 110 10.79 -14.35 -3.51
C ARG D 110 11.04 -13.46 -4.73
N CYS D 111 10.48 -13.83 -5.89
CA CYS D 111 10.55 -13.00 -7.07
C CYS D 111 9.78 -11.68 -6.89
N LEU D 112 8.66 -11.76 -6.18
CA LEU D 112 7.89 -10.55 -5.86
C LEU D 112 8.73 -9.56 -5.04
N GLN D 113 9.43 -10.07 -4.02
CA GLN D 113 10.29 -9.24 -3.18
C GLN D 113 11.34 -8.48 -3.97
N VAL D 114 11.97 -9.16 -4.92
CA VAL D 114 13.09 -8.60 -5.66
C VAL D 114 12.60 -7.55 -6.64
N VAL D 115 11.49 -7.82 -7.30
CA VAL D 115 10.88 -6.88 -8.23
C VAL D 115 10.36 -5.64 -7.46
N ARG D 116 9.77 -5.85 -6.30
CA ARG D 116 9.37 -4.73 -5.43
C ARG D 116 10.58 -3.83 -5.10
N SER D 117 11.73 -4.44 -4.84
CA SER D 117 12.93 -3.68 -4.48
C SER D 117 13.54 -2.84 -5.63
N LEU D 118 13.13 -3.12 -6.88
CA LEU D 118 13.72 -2.48 -8.06
C LEU D 118 12.75 -1.58 -8.83
N VAL D 119 11.47 -1.61 -8.48
CA VAL D 119 10.46 -0.87 -9.21
C VAL D 119 9.60 -0.03 -8.26
N LYS D 120 9.40 1.24 -8.61
CA LYS D 120 8.56 2.15 -7.83
C LYS D 120 7.10 1.76 -8.02
N PRO D 121 6.30 1.80 -6.92
CA PRO D 121 4.90 1.34 -6.96
C PRO D 121 4.03 1.90 -8.08
N GLU D 122 4.30 3.14 -8.49
CA GLU D 122 3.54 3.75 -9.60
C GLU D 122 3.92 3.19 -10.97
N ASN D 123 5.01 2.44 -11.03
CA ASN D 123 5.43 1.81 -12.27
C ASN D 123 5.10 0.33 -12.38
N TYR D 124 4.63 -0.29 -11.29
CA TYR D 124 4.23 -1.72 -11.30
C TYR D 124 3.37 -2.09 -12.52
N ARG D 125 2.41 -1.23 -12.87
CA ARG D 125 1.47 -1.51 -13.95
C ARG D 125 1.98 -1.09 -15.34
N ARG D 126 3.24 -0.67 -15.41
CA ARG D 126 3.90 -0.42 -16.69
C ARG D 126 4.84 -1.57 -17.07
N LEU D 127 4.91 -2.60 -16.23
CA LEU D 127 5.73 -3.78 -16.50
C LEU D 127 5.00 -4.72 -17.46
N ASP D 128 5.74 -5.32 -18.40
CA ASP D 128 5.16 -6.21 -19.40
C ASP D 128 4.98 -7.63 -18.86
N ILE D 129 3.95 -7.83 -18.04
CA ILE D 129 3.66 -9.13 -17.42
C ILE D 129 2.15 -9.37 -17.31
N VAL D 130 1.78 -10.59 -16.92
CA VAL D 130 0.37 -10.98 -16.82
C VAL D 130 -0.37 -10.12 -15.77
N ARG D 131 -1.62 -9.77 -16.07
CA ARG D 131 -2.40 -8.81 -15.27
C ARG D 131 -2.55 -9.19 -13.79
N SER D 132 -2.72 -10.48 -13.51
CA SER D 132 -2.94 -10.94 -12.14
C SER D 132 -1.75 -10.70 -11.20
N LEU D 133 -0.55 -10.61 -11.77
CA LEU D 133 0.64 -10.33 -10.99
C LEU D 133 0.71 -8.88 -10.51
N TYR D 134 -0.04 -7.99 -11.16
CA TYR D 134 -0.10 -6.60 -10.70
C TYR D 134 -0.68 -6.55 -9.30
N GLU D 135 -1.85 -7.16 -9.12
CA GLU D 135 -2.47 -7.29 -7.80
C GLU D 135 -1.52 -7.93 -6.81
N ASP D 136 -0.88 -9.03 -7.21
CA ASP D 136 0.07 -9.73 -6.35
C ASP D 136 1.20 -8.81 -5.90
N LEU D 137 1.73 -8.02 -6.83
CA LEU D 137 2.78 -7.05 -6.53
C LEU D 137 2.32 -5.97 -5.57
N GLU D 138 1.07 -5.51 -5.71
CA GLU D 138 0.53 -4.42 -4.89
C GLU D 138 0.17 -4.85 -3.47
N ASP D 139 -0.15 -6.13 -3.28
CA ASP D 139 -0.53 -6.65 -1.97
C ASP D 139 0.70 -6.90 -1.10
N HIS D 140 1.24 -5.81 -0.53
CA HIS D 140 2.52 -5.85 0.19
C HIS D 140 2.43 -6.64 1.48
N PRO D 141 3.59 -7.19 1.92
CA PRO D 141 3.64 -7.84 3.22
C PRO D 141 3.19 -6.87 4.29
N ASN D 142 2.42 -7.35 5.24
CA ASN D 142 1.66 -6.48 6.11
C ASN D 142 1.39 -7.15 7.45
N VAL D 143 1.69 -6.43 8.53
CA VAL D 143 1.44 -6.90 9.88
C VAL D 143 -0.04 -7.13 10.18
N GLN D 144 -0.89 -6.16 9.86
CA GLN D 144 -2.33 -6.25 10.15
C GLN D 144 -2.96 -7.46 9.47
N LYS D 145 -2.65 -7.61 8.18
CA LYS D 145 -3.12 -8.73 7.38
C LYS D 145 -2.79 -10.09 8.02
N ASP D 146 -1.59 -10.21 8.57
CA ASP D 146 -1.17 -11.43 9.26
C ASP D 146 -1.89 -11.63 10.59
N LEU D 147 -2.07 -10.56 11.35
CA LEU D 147 -2.76 -10.63 12.65
C LEU D 147 -4.16 -11.25 12.52
N GLU D 148 -4.88 -10.88 11.46
CA GLU D 148 -6.17 -11.48 11.18
C GLU D 148 -6.05 -12.98 10.89
N ARG D 149 -5.10 -13.36 10.03
CA ARG D 149 -4.87 -14.78 9.76
C ARG D 149 -4.48 -15.53 11.02
N LEU D 150 -3.59 -14.96 11.82
CA LEU D 150 -3.17 -15.60 13.08
C LEU D 150 -4.31 -15.70 14.09
N THR D 151 -5.12 -14.65 14.16
CA THR D 151 -6.27 -14.63 15.06
C THR D 151 -7.25 -15.76 14.71
N GLN D 152 -7.60 -15.84 13.43
CA GLN D 152 -8.65 -16.76 12.96
C GLN D 152 -8.21 -18.22 12.90
N GLU D 153 -6.89 -18.45 12.86
CA GLU D 153 -6.33 -19.80 13.02
C GLU D 153 -6.33 -20.21 14.49
N ARG D 154 -6.23 -19.23 15.39
CA ARG D 154 -6.36 -19.45 16.83
C ARG D 154 -7.83 -19.75 17.25
N ILE D 155 -8.80 -19.24 16.48
CA ILE D 155 -10.23 -19.51 16.73
C ILE D 155 -10.60 -20.91 16.25
N ALA D 156 -10.27 -21.21 14.99
CA ALA D 156 -10.41 -22.58 14.46
C ALA D 156 -9.82 -23.60 15.45
N HIS D 157 -8.65 -23.27 16.00
CA HIS D 157 -7.99 -24.09 17.04
C HIS D 157 -8.87 -24.30 18.28
N GLN D 158 -9.73 -23.34 18.60
CA GLN D 158 -10.68 -23.44 19.70
C GLN D 158 -12.08 -23.75 19.18
N LYS E 19 23.66 19.98 -57.08
CA LYS E 19 23.36 18.52 -57.09
C LYS E 19 22.79 18.06 -55.75
N VAL E 20 23.50 18.34 -54.66
CA VAL E 20 23.07 17.99 -53.32
C VAL E 20 21.91 18.87 -52.85
N SER E 21 21.99 20.17 -53.14
CA SER E 21 20.95 21.13 -52.75
C SER E 21 19.65 20.94 -53.54
N GLU E 22 19.78 20.51 -54.80
CA GLU E 22 18.61 20.26 -55.66
C GLU E 22 17.88 18.99 -55.25
N GLN E 23 18.63 17.98 -54.80
CA GLN E 23 18.03 16.77 -54.25
C GLN E 23 17.32 17.05 -52.93
N LEU E 24 17.86 17.98 -52.14
CA LEU E 24 17.25 18.35 -50.86
C LEU E 24 15.97 19.17 -51.01
N LYS E 25 15.80 19.85 -52.14
CA LYS E 25 14.51 20.46 -52.47
C LYS E 25 13.48 19.40 -52.87
N CYS E 26 13.94 18.35 -53.56
CA CYS E 26 13.07 17.24 -53.93
C CYS E 26 12.61 16.47 -52.71
N CYS E 27 13.53 16.20 -51.78
CA CYS E 27 13.19 15.58 -50.50
C CYS E 27 12.11 16.37 -49.75
N SER E 28 12.21 17.69 -49.83
CA SER E 28 11.22 18.58 -49.24
C SER E 28 9.88 18.47 -49.96
N GLY E 29 9.92 18.43 -51.29
CA GLY E 29 8.72 18.29 -52.11
C GLY E 29 7.98 17.00 -51.83
N ILE E 30 8.74 15.95 -51.50
CA ILE E 30 8.17 14.64 -51.21
C ILE E 30 7.44 14.65 -49.87
N LEU E 31 8.09 15.17 -48.84
CA LEU E 31 7.46 15.28 -47.50
C LEU E 31 6.21 16.15 -47.58
N LYS E 32 6.26 17.23 -48.38
CA LYS E 32 5.09 18.08 -48.57
C LYS E 32 3.94 17.26 -49.12
N GLU E 33 4.22 16.37 -50.07
CA GLU E 33 3.17 15.51 -50.62
C GLU E 33 2.67 14.52 -49.57
N MET E 34 3.60 13.95 -48.80
CA MET E 34 3.22 13.03 -47.71
C MET E 34 2.30 13.69 -46.67
N PHE E 35 2.40 15.02 -46.51
CA PHE E 35 1.51 15.80 -45.63
C PHE E 35 0.17 16.22 -46.27
N ALA E 36 0.01 16.03 -47.58
CA ALA E 36 -1.12 16.60 -48.30
C ALA E 36 -2.45 15.88 -48.02
N LYS E 37 -3.56 16.55 -48.32
CA LYS E 37 -4.90 16.02 -48.03
C LYS E 37 -5.15 14.73 -48.79
N LYS E 38 -4.69 14.69 -50.04
CA LYS E 38 -4.74 13.50 -50.89
C LYS E 38 -4.41 12.17 -50.14
N HIS E 39 -3.40 12.20 -49.28
CA HIS E 39 -2.96 11.02 -48.55
C HIS E 39 -3.38 11.01 -47.06
N ALA E 40 -4.31 11.88 -46.67
CA ALA E 40 -4.63 12.06 -45.24
C ALA E 40 -5.23 10.84 -44.53
N ALA E 41 -5.94 10.00 -45.28
CA ALA E 41 -6.63 8.84 -44.69
C ALA E 41 -5.69 7.80 -44.06
N TYR E 42 -4.48 7.68 -44.61
CA TYR E 42 -3.48 6.74 -44.07
C TYR E 42 -2.21 7.39 -43.53
N ALA E 43 -1.97 8.66 -43.86
CA ALA E 43 -0.77 9.37 -43.39
C ALA E 43 -0.87 9.93 -41.96
N TRP E 44 -2.08 10.11 -41.43
CA TRP E 44 -2.29 10.88 -40.19
C TRP E 44 -1.59 10.37 -38.91
N PRO E 45 -1.37 9.04 -38.75
CA PRO E 45 -0.65 8.58 -37.55
C PRO E 45 0.84 8.98 -37.48
N PHE E 46 1.42 9.44 -38.57
CA PHE E 46 2.87 9.69 -38.64
C PHE E 46 3.20 11.18 -38.67
N TYR E 47 2.17 12.02 -38.60
CA TYR E 47 2.35 13.48 -38.58
C TYR E 47 3.23 13.96 -37.42
N LYS E 48 3.02 13.40 -36.23
CA LYS E 48 3.71 13.83 -35.01
C LYS E 48 4.35 12.66 -34.29
N PRO E 49 5.23 12.94 -33.30
CA PRO E 49 5.85 11.86 -32.52
C PRO E 49 4.80 10.97 -31.84
N VAL E 50 5.19 9.75 -31.50
CA VAL E 50 4.27 8.82 -30.88
C VAL E 50 4.08 9.21 -29.43
N ASP E 51 2.83 9.42 -29.02
CA ASP E 51 2.49 9.78 -27.64
C ASP E 51 2.23 8.51 -26.81
N VAL E 52 3.26 8.03 -26.14
CA VAL E 52 3.15 6.77 -25.39
C VAL E 52 2.19 6.83 -24.21
N GLU E 53 2.06 8.00 -23.58
CA GLU E 53 1.12 8.17 -22.48
CA GLU E 53 1.11 8.20 -22.48
C GLU E 53 -0.32 8.01 -22.99
N ALA E 54 -0.70 8.78 -23.99
CA ALA E 54 -2.07 8.76 -24.53
C ALA E 54 -2.47 7.39 -25.10
N LEU E 55 -1.54 6.76 -25.82
CA LEU E 55 -1.82 5.48 -26.44
C LEU E 55 -1.73 4.33 -25.43
N GLY E 56 -1.10 4.60 -24.29
CA GLY E 56 -0.99 3.63 -23.21
C GLY E 56 -0.01 2.51 -23.52
N LEU E 57 1.11 2.87 -24.14
CA LEU E 57 2.11 1.91 -24.58
C LEU E 57 3.31 1.95 -23.63
N HIS E 58 3.25 1.13 -22.59
CA HIS E 58 4.28 1.13 -21.56
C HIS E 58 5.63 0.61 -22.05
N ASP E 59 5.61 -0.23 -23.10
CA ASP E 59 6.82 -0.87 -23.60
C ASP E 59 7.43 -0.24 -24.87
N TYR E 60 6.86 0.86 -25.35
CA TYR E 60 7.28 1.41 -26.64
C TYR E 60 8.73 1.90 -26.63
N CYS E 61 9.17 2.58 -25.58
CA CYS E 61 10.55 3.05 -25.50
C CYS E 61 11.55 1.93 -25.25
N ASP E 62 11.10 0.86 -24.58
CA ASP E 62 11.92 -0.33 -24.38
C ASP E 62 12.24 -0.97 -25.73
N ILE E 63 11.27 -0.92 -26.65
CA ILE E 63 11.41 -1.60 -27.95
C ILE E 63 11.92 -0.69 -29.07
N ILE E 64 11.41 0.55 -29.14
CA ILE E 64 11.86 1.51 -30.13
C ILE E 64 12.88 2.49 -29.52
N LYS E 65 14.15 2.24 -29.83
CA LYS E 65 15.25 3.00 -29.24
C LYS E 65 15.45 4.37 -29.88
N HIS E 66 14.95 4.55 -31.10
CA HIS E 66 15.17 5.77 -31.87
C HIS E 66 13.89 6.13 -32.61
N PRO E 67 13.01 6.91 -31.97
CA PRO E 67 11.71 7.25 -32.58
C PRO E 67 11.87 8.21 -33.75
N MET E 68 10.85 8.27 -34.60
CA MET E 68 10.84 9.25 -35.70
C MET E 68 9.43 9.48 -36.26
N ASP E 69 9.22 10.69 -36.77
CA ASP E 69 7.93 11.10 -37.33
C ASP E 69 8.13 12.20 -38.37
N MET E 70 7.05 12.54 -39.07
CA MET E 70 7.14 13.50 -40.17
C MET E 70 7.48 14.91 -39.72
N SER E 71 6.89 15.38 -38.61
CA SER E 71 7.19 16.73 -38.12
C SER E 71 8.66 16.89 -37.71
N THR E 72 9.21 15.86 -37.08
CA THR E 72 10.61 15.87 -36.69
C THR E 72 11.51 15.97 -37.93
N ILE E 73 11.17 15.20 -38.96
CA ILE E 73 11.90 15.22 -40.23
C ILE E 73 11.81 16.60 -40.90
N LYS E 74 10.62 17.20 -40.90
CA LYS E 74 10.43 18.54 -41.44
C LYS E 74 11.34 19.58 -40.77
N SER E 75 11.44 19.53 -39.44
CA SER E 75 12.34 20.43 -38.69
C SER E 75 13.79 20.27 -39.11
N LYS E 76 14.20 19.03 -39.30
CA LYS E 76 15.58 18.71 -39.66
C LYS E 76 15.94 19.21 -41.07
N LEU E 77 15.00 19.06 -42.01
CA LEU E 77 15.17 19.64 -43.35
C LEU E 77 15.36 21.14 -43.26
N GLU E 78 14.42 21.82 -42.60
CA GLU E 78 14.44 23.27 -42.47
C GLU E 78 15.65 23.78 -41.69
N ALA E 79 16.19 22.93 -40.81
CA ALA E 79 17.42 23.24 -40.07
C ALA E 79 18.70 22.81 -40.80
N ARG E 80 18.57 22.28 -42.02
CA ARG E 80 19.70 21.83 -42.83
C ARG E 80 20.56 20.74 -42.18
N GLU E 81 19.96 19.89 -41.36
CA GLU E 81 20.70 18.85 -40.65
C GLU E 81 21.07 17.63 -41.50
N TYR E 82 20.35 17.41 -42.62
CA TYR E 82 20.68 16.28 -43.51
C TYR E 82 21.77 16.69 -44.50
N ARG E 83 22.92 16.02 -44.44
CA ARG E 83 24.03 16.27 -45.37
C ARG E 83 23.68 15.98 -46.83
N ASP E 84 22.79 14.99 -47.03
CA ASP E 84 22.39 14.57 -48.38
C ASP E 84 21.04 13.83 -48.36
N ALA E 85 20.59 13.41 -49.53
CA ALA E 85 19.29 12.75 -49.68
C ALA E 85 19.20 11.37 -49.03
N GLN E 86 20.35 10.72 -48.83
CA GLN E 86 20.36 9.37 -48.23
C GLN E 86 20.00 9.42 -46.76
N GLU E 87 20.47 10.45 -46.06
CA GLU E 87 20.17 10.62 -44.64
C GLU E 87 18.68 10.92 -44.43
N PHE E 88 18.10 11.70 -45.34
CA PHE E 88 16.65 11.97 -45.33
C PHE E 88 15.86 10.67 -45.52
N GLY E 89 16.36 9.81 -46.42
CA GLY E 89 15.73 8.53 -46.69
C GLY E 89 15.78 7.57 -45.50
N ALA E 90 16.95 7.45 -44.88
CA ALA E 90 17.14 6.56 -43.73
C ALA E 90 16.22 6.93 -42.57
N ASP E 91 15.91 8.23 -42.41
CA ASP E 91 14.99 8.68 -41.37
C ASP E 91 13.55 8.33 -41.73
N VAL E 92 13.18 8.45 -43.01
CA VAL E 92 11.82 8.08 -43.43
C VAL E 92 11.65 6.57 -43.27
N ARG E 93 12.67 5.82 -43.66
CA ARG E 93 12.65 4.36 -43.51
C ARG E 93 12.68 3.92 -42.04
N LEU E 94 13.33 4.73 -41.19
CA LEU E 94 13.33 4.49 -39.73
C LEU E 94 11.92 4.63 -39.13
N MET E 95 11.21 5.67 -39.57
CA MET E 95 9.83 5.90 -39.14
C MET E 95 8.97 4.67 -39.42
N PHE E 96 9.09 4.12 -40.63
CA PHE E 96 8.32 2.93 -41.04
C PHE E 96 8.81 1.66 -40.34
N SER E 97 10.12 1.44 -40.31
CA SER E 97 10.68 0.25 -39.64
C SER E 97 10.26 0.18 -38.16
N ASN E 98 10.23 1.32 -37.48
CA ASN E 98 9.72 1.37 -36.09
C ASN E 98 8.29 0.84 -35.95
N CYS E 99 7.44 1.24 -36.89
CA CYS E 99 6.03 0.81 -36.89
C CYS E 99 5.87 -0.69 -37.14
N TYR E 100 6.61 -1.22 -38.12
CA TYR E 100 6.55 -2.66 -38.44
C TYR E 100 7.17 -3.50 -37.31
N LYS E 101 8.15 -2.93 -36.63
CA LYS E 101 8.86 -3.61 -35.54
C LYS E 101 7.97 -3.78 -34.30
N TYR E 102 7.30 -2.71 -33.89
CA TYR E 102 6.51 -2.71 -32.67
C TYR E 102 5.20 -3.50 -32.81
N ASN E 103 4.52 -3.36 -33.93
CA ASN E 103 3.14 -3.88 -34.11
C ASN E 103 3.05 -5.24 -34.80
N PRO E 104 1.93 -5.97 -34.59
CA PRO E 104 1.68 -7.21 -35.33
C PRO E 104 1.33 -6.97 -36.79
N PRO E 105 1.66 -7.92 -37.68
CA PRO E 105 1.53 -7.78 -39.14
C PRO E 105 0.21 -7.21 -39.65
N ASP E 106 -0.91 -7.65 -39.08
CA ASP E 106 -2.24 -7.29 -39.60
C ASP E 106 -2.94 -6.21 -38.76
N HIS E 107 -2.15 -5.29 -38.21
CA HIS E 107 -2.64 -4.16 -37.44
C HIS E 107 -2.98 -3.02 -38.39
N GLU E 108 -3.99 -2.23 -38.06
CA GLU E 108 -4.46 -1.17 -38.94
C GLU E 108 -3.38 -0.15 -39.31
N VAL E 109 -2.53 0.17 -38.33
CA VAL E 109 -1.41 1.11 -38.52
C VAL E 109 -0.30 0.58 -39.43
N VAL E 110 -0.12 -0.74 -39.46
CA VAL E 110 0.87 -1.35 -40.37
C VAL E 110 0.38 -1.27 -41.82
N ALA E 111 -0.91 -1.54 -42.03
CA ALA E 111 -1.53 -1.32 -43.35
C ALA E 111 -1.38 0.14 -43.82
N MET E 112 -1.67 1.08 -42.93
CA MET E 112 -1.55 2.50 -43.24
C MET E 112 -0.10 2.87 -43.59
N ALA E 113 0.84 2.36 -42.82
CA ALA E 113 2.27 2.56 -43.06
C ALA E 113 2.67 2.09 -44.47
N ARG E 114 2.22 0.90 -44.85
CA ARG E 114 2.56 0.33 -46.15
C ARG E 114 2.12 1.23 -47.28
N LYS E 115 0.89 1.75 -47.20
CA LYS E 115 0.33 2.63 -48.22
C LYS E 115 1.18 3.89 -48.42
N LEU E 116 1.62 4.48 -47.31
CA LEU E 116 2.39 5.71 -47.35
C LEU E 116 3.81 5.45 -47.83
N GLN E 117 4.39 4.32 -47.43
CA GLN E 117 5.73 3.95 -47.88
C GLN E 117 5.78 3.76 -49.41
N ASP E 118 4.70 3.24 -49.98
CA ASP E 118 4.62 3.10 -51.41
C ASP E 118 4.70 4.46 -52.12
N VAL E 119 4.06 5.46 -51.57
CA VAL E 119 4.16 6.82 -52.10
C VAL E 119 5.60 7.33 -51.95
N PHE E 120 6.20 7.14 -50.79
CA PHE E 120 7.58 7.56 -50.58
C PHE E 120 8.53 6.91 -51.57
N GLU E 121 8.50 5.59 -51.64
CA GLU E 121 9.46 4.84 -52.46
C GLU E 121 9.39 5.23 -53.94
N MET E 122 8.17 5.45 -54.43
CA MET E 122 7.96 5.81 -55.83
C MET E 122 8.62 7.17 -56.18
N ARG E 123 8.39 8.18 -55.35
CA ARG E 123 8.93 9.51 -55.60
C ARG E 123 10.42 9.58 -55.34
N PHE E 124 10.87 8.83 -54.34
CA PHE E 124 12.28 8.78 -53.97
C PHE E 124 13.11 8.10 -55.08
N ALA E 125 12.52 7.12 -55.76
CA ALA E 125 13.20 6.43 -56.86
C ALA E 125 13.24 7.29 -58.14
N LYS E 126 12.23 8.13 -58.33
CA LYS E 126 12.13 8.98 -59.53
C LYS E 126 12.81 10.36 -59.37
N MET E 127 13.51 10.55 -58.25
CA MET E 127 14.33 11.73 -58.04
C MET E 127 15.56 11.66 -58.94
N PRO E 128 15.82 12.73 -59.71
CA PRO E 128 17.03 12.74 -60.54
C PRO E 128 18.32 12.86 -59.72
N ASP E 129 19.34 12.09 -60.09
CA ASP E 129 20.65 12.17 -59.43
C ASP E 129 21.50 13.22 -60.12
N MET F 1 -15.28 35.91 -0.69
CA MET F 1 -16.49 35.25 -1.27
C MET F 1 -17.59 35.11 -0.21
N ASP F 2 -18.53 34.19 -0.45
CA ASP F 2 -19.61 33.93 0.50
C ASP F 2 -19.15 33.09 1.69
N VAL F 3 -19.83 33.30 2.81
CA VAL F 3 -19.66 32.52 4.04
C VAL F 3 -21.05 32.08 4.49
N PHE F 4 -21.13 30.90 5.10
CA PHE F 4 -22.42 30.33 5.50
C PHE F 4 -22.47 30.15 7.01
N LEU F 5 -23.57 30.59 7.63
CA LEU F 5 -23.62 30.76 9.07
C LEU F 5 -24.86 30.14 9.75
N MET F 6 -24.67 29.71 10.99
CA MET F 6 -25.77 29.44 11.92
C MET F 6 -25.68 30.52 13.00
N ILE F 7 -26.69 31.38 13.06
CA ILE F 7 -26.77 32.38 14.13
C ILE F 7 -27.66 31.79 15.19
N ARG F 8 -27.17 31.74 16.42
CA ARG F 8 -27.80 30.92 17.47
C ARG F 8 -27.95 31.61 18.83
N ARG F 9 -29.12 31.44 19.43
CA ARG F 9 -29.41 31.88 20.80
C ARG F 9 -30.43 30.92 21.42
N HIS F 10 -30.25 30.59 22.70
CA HIS F 10 -31.18 29.72 23.42
C HIS F 10 -31.51 28.51 22.52
N LYS F 11 -32.79 28.30 22.17
CA LYS F 11 -33.20 27.21 21.27
C LYS F 11 -33.58 27.72 19.88
N THR F 12 -33.03 28.86 19.48
CA THR F 12 -33.27 29.45 18.18
C THR F 12 -32.00 29.31 17.35
N THR F 13 -32.16 28.90 16.08
CA THR F 13 -31.03 28.79 15.15
C THR F 13 -31.43 29.29 13.77
N ILE F 14 -30.79 30.38 13.32
CA ILE F 14 -31.04 30.97 11.99
C ILE F 14 -29.94 30.51 11.04
N PHE F 15 -30.33 29.99 9.88
CA PHE F 15 -29.39 29.66 8.80
C PHE F 15 -29.38 30.80 7.79
N THR F 16 -28.20 31.32 7.47
CA THR F 16 -28.09 32.39 6.49
C THR F 16 -26.69 32.45 5.91
N ASP F 17 -26.59 33.04 4.72
CA ASP F 17 -25.29 33.32 4.12
C ASP F 17 -24.98 34.82 4.17
N ALA F 18 -23.71 35.16 3.98
CA ALA F 18 -23.27 36.57 3.87
C ALA F 18 -21.90 36.59 3.18
N LYS F 19 -21.23 37.74 3.18
CA LYS F 19 -19.94 37.85 2.52
C LYS F 19 -18.83 38.09 3.53
N GLU F 20 -17.59 37.81 3.15
CA GLU F 20 -16.44 38.12 4.01
C GLU F 20 -16.34 39.62 4.24
N SER F 21 -16.71 40.38 3.22
CA SER F 21 -16.62 41.83 3.24
C SER F 21 -17.75 42.49 4.01
N SER F 22 -18.82 41.75 4.29
CA SER F 22 -19.93 42.30 5.07
C SER F 22 -19.52 42.45 6.52
N THR F 23 -20.21 43.33 7.24
CA THR F 23 -19.87 43.70 8.61
C THR F 23 -20.77 43.05 9.64
N VAL F 24 -20.35 43.16 10.90
CA VAL F 24 -21.10 42.64 12.03
C VAL F 24 -22.42 43.38 12.14
N PHE F 25 -22.40 44.70 11.96
CA PHE F 25 -23.62 45.50 11.99
C PHE F 25 -24.64 45.05 10.93
N GLU F 26 -24.13 44.77 9.74
CA GLU F 26 -24.97 44.27 8.65
C GLU F 26 -25.63 42.94 8.99
N LEU F 27 -24.90 42.10 9.73
CA LEU F 27 -25.42 40.81 10.19
C LEU F 27 -26.57 41.01 11.18
N LYS F 28 -26.43 42.01 12.05
CA LYS F 28 -27.49 42.38 12.99
C LYS F 28 -28.75 42.89 12.28
N ARG F 29 -28.59 43.52 11.12
CA ARG F 29 -29.75 43.92 10.30
C ARG F 29 -30.55 42.72 9.82
N ILE F 30 -29.87 41.64 9.44
CA ILE F 30 -30.53 40.38 9.08
C ILE F 30 -31.37 39.86 10.25
N VAL F 31 -30.77 39.86 11.44
CA VAL F 31 -31.45 39.42 12.66
C VAL F 31 -32.66 40.30 12.93
N GLU F 32 -32.46 41.62 12.87
CA GLU F 32 -33.57 42.56 13.08
C GLU F 32 -34.77 42.21 12.20
N GLY F 33 -34.50 41.96 10.93
CA GLY F 33 -35.52 41.57 9.96
C GLY F 33 -36.31 40.34 10.37
N ILE F 34 -35.61 39.33 10.88
CA ILE F 34 -36.25 38.07 11.26
C ILE F 34 -36.89 38.10 12.65
N LEU F 35 -36.16 38.58 13.65
CA LEU F 35 -36.58 38.48 15.05
C LEU F 35 -37.07 39.79 15.70
N LYS F 36 -37.14 40.87 14.93
CA LYS F 36 -37.74 42.13 15.39
C LYS F 36 -36.98 42.79 16.56
N ARG F 37 -35.65 42.82 16.47
CA ARG F 37 -34.80 43.41 17.51
C ARG F 37 -33.70 44.25 16.88
N PRO F 38 -33.71 45.58 17.12
CA PRO F 38 -32.72 46.44 16.47
C PRO F 38 -31.27 46.15 16.90
N PRO F 39 -30.29 46.55 16.08
CA PRO F 39 -28.87 46.33 16.36
C PRO F 39 -28.43 46.70 17.79
N ASP F 40 -28.90 47.83 18.31
CA ASP F 40 -28.49 48.28 19.66
C ASP F 40 -28.98 47.37 20.80
N GLU F 41 -29.92 46.48 20.52
CA GLU F 41 -30.36 45.46 21.48
C GLU F 41 -29.74 44.07 21.22
N GLN F 42 -28.73 44.00 20.36
CA GLN F 42 -28.09 42.72 19.98
C GLN F 42 -26.60 42.69 20.37
N ARG F 43 -26.11 41.48 20.66
CA ARG F 43 -24.68 41.23 20.83
C ARG F 43 -24.32 39.96 20.08
N LEU F 44 -23.28 40.02 19.24
CA LEU F 44 -22.83 38.88 18.45
C LEU F 44 -21.45 38.37 18.88
N TYR F 45 -21.26 37.05 18.83
CA TYR F 45 -20.06 36.40 19.37
C TYR F 45 -19.47 35.34 18.44
N LYS F 46 -18.14 35.27 18.41
CA LYS F 46 -17.44 34.12 17.85
C LYS F 46 -16.76 33.39 19.00
N ASP F 47 -17.34 32.25 19.39
CA ASP F 47 -16.99 31.55 20.64
C ASP F 47 -17.31 32.49 21.80
N ASP F 48 -16.30 32.95 22.55
CA ASP F 48 -16.53 33.87 23.67
C ASP F 48 -16.17 35.31 23.33
N GLN F 49 -15.68 35.54 22.11
CA GLN F 49 -15.24 36.85 21.68
C GLN F 49 -16.42 37.72 21.24
N LEU F 50 -16.63 38.84 21.94
CA LEU F 50 -17.60 39.85 21.52
C LEU F 50 -17.09 40.50 20.22
N LEU F 51 -18.00 40.68 19.25
CA LEU F 51 -17.63 41.21 17.93
C LEU F 51 -18.06 42.67 17.76
N ASP F 52 -17.18 43.47 17.17
CA ASP F 52 -17.42 44.91 16.99
C ASP F 52 -18.21 45.19 15.72
N ASP F 53 -19.20 46.07 15.82
CA ASP F 53 -20.09 46.39 14.70
C ASP F 53 -19.36 46.75 13.42
N GLY F 54 -18.23 47.45 13.56
CA GLY F 54 -17.50 47.99 12.41
C GLY F 54 -16.60 47.04 11.64
N LYS F 55 -16.30 45.88 12.21
CA LYS F 55 -15.40 44.91 11.57
C LYS F 55 -16.14 43.99 10.59
N THR F 56 -15.41 43.51 9.58
CA THR F 56 -15.99 42.58 8.61
C THR F 56 -15.90 41.17 9.17
N LEU F 57 -16.65 40.25 8.57
CA LEU F 57 -16.66 38.87 9.02
C LEU F 57 -15.31 38.21 8.80
N GLY F 58 -14.69 38.49 7.65
CA GLY F 58 -13.31 38.05 7.40
C GLY F 58 -12.34 38.45 8.50
N GLU F 59 -12.45 39.69 8.97
CA GLU F 59 -11.57 40.20 10.03
C GLU F 59 -11.83 39.53 11.39
N CYS F 60 -13.07 39.09 11.62
CA CYS F 60 -13.41 38.32 12.82
C CYS F 60 -12.97 36.86 12.76
N GLY F 61 -12.56 36.40 11.58
CA GLY F 61 -12.00 35.05 11.42
C GLY F 61 -12.88 34.07 10.66
N PHE F 62 -14.05 34.52 10.18
CA PHE F 62 -14.93 33.71 9.34
C PHE F 62 -14.49 33.76 7.87
N THR F 63 -13.98 32.66 7.34
CA THR F 63 -13.58 32.57 5.92
C THR F 63 -14.44 31.55 5.21
N SER F 64 -14.52 31.67 3.88
CA SER F 64 -15.31 30.75 3.07
C SER F 64 -14.85 29.30 3.19
N GLN F 65 -13.56 29.11 3.51
CA GLN F 65 -13.01 27.77 3.72
C GLN F 65 -13.47 27.09 5.03
N THR F 66 -13.79 27.88 6.06
CA THR F 66 -14.24 27.35 7.35
C THR F 66 -15.72 27.64 7.64
N ALA F 67 -16.45 28.14 6.65
CA ALA F 67 -17.88 28.45 6.79
C ALA F 67 -18.63 27.99 5.54
N ARG F 68 -18.67 26.68 5.36
CA ARG F 68 -19.20 26.10 4.13
C ARG F 68 -20.68 25.75 4.25
N PRO F 69 -21.40 25.69 3.11
CA PRO F 69 -22.82 25.33 3.10
C PRO F 69 -23.14 24.07 3.90
N GLN F 70 -22.33 23.02 3.72
CA GLN F 70 -22.51 21.73 4.37
C GLN F 70 -21.92 21.66 5.79
N ALA F 71 -21.16 22.68 6.20
CA ALA F 71 -20.59 22.77 7.55
C ALA F 71 -20.47 24.23 7.98
N PRO F 72 -21.63 24.89 8.22
CA PRO F 72 -21.64 26.32 8.48
C PRO F 72 -21.03 26.66 9.82
N ALA F 73 -20.50 27.88 9.91
CA ALA F 73 -19.88 28.36 11.13
C ALA F 73 -20.92 28.99 12.05
N THR F 74 -20.66 28.94 13.35
CA THR F 74 -21.62 29.35 14.36
C THR F 74 -21.33 30.77 14.88
N VAL F 75 -22.38 31.56 15.03
CA VAL F 75 -22.31 32.89 15.60
C VAL F 75 -23.27 32.94 16.79
N GLY F 76 -22.77 33.32 17.95
CA GLY F 76 -23.60 33.44 19.15
C GLY F 76 -24.36 34.75 19.19
N LEU F 77 -25.56 34.73 19.77
CA LEU F 77 -26.42 35.91 19.86
C LEU F 77 -27.01 36.09 21.26
N ALA F 78 -26.97 37.32 21.76
CA ALA F 78 -27.54 37.67 23.06
C ALA F 78 -28.34 38.98 22.97
N PHE F 79 -29.50 39.02 23.62
CA PHE F 79 -30.35 40.21 23.63
C PHE F 79 -30.19 41.00 24.93
N ARG F 80 -30.73 42.21 24.93
CA ARG F 80 -30.75 43.07 26.11
C ARG F 80 -32.19 43.22 26.59
N ALA F 81 -32.41 42.89 27.87
CA ALA F 81 -33.68 43.16 28.53
C ALA F 81 -33.44 44.15 29.67
N ASP F 82 -34.25 45.22 29.70
CA ASP F 82 -34.22 46.20 30.80
C ASP F 82 -32.86 46.87 31.04
N ASP F 83 -32.20 47.27 29.96
CA ASP F 83 -30.95 48.04 30.03
C ASP F 83 -29.75 47.26 30.59
N THR F 84 -29.73 45.94 30.39
CA THR F 84 -28.62 45.11 30.83
C THR F 84 -28.58 43.81 30.00
N PHE F 85 -27.45 43.57 29.33
CA PHE F 85 -27.33 42.42 28.41
C PHE F 85 -27.24 41.09 29.16
N GLU F 86 -28.05 40.13 28.73
CA GLU F 86 -28.03 38.79 29.31
C GLU F 86 -26.73 38.05 28.95
N ALA F 87 -26.40 37.05 29.74
CA ALA F 87 -25.25 36.19 29.47
C ALA F 87 -25.51 35.36 28.21
N LEU F 88 -24.45 35.18 27.41
CA LEU F 88 -24.52 34.36 26.20
C LEU F 88 -24.85 32.94 26.60
N CYS F 89 -25.80 32.33 25.88
CA CYS F 89 -26.22 30.96 26.19
C CYS F 89 -26.85 30.27 24.99
N ILE F 90 -26.20 29.19 24.55
CA ILE F 90 -26.68 28.40 23.42
C ILE F 90 -27.03 26.98 23.89
N GLU F 91 -28.31 26.62 23.83
CA GLU F 91 -28.74 25.27 24.20
C GLU F 91 -28.18 24.24 23.20
N PRO F 92 -27.50 23.20 23.70
CA PRO F 92 -26.93 22.19 22.79
C PRO F 92 -27.98 21.34 22.10
N PHE F 93 -27.63 20.76 20.96
CA PHE F 93 -28.51 19.81 20.28
C PHE F 93 -28.46 18.48 21.04
N SER F 94 -29.35 17.57 20.67
CA SER F 94 -29.38 16.23 21.24
C SER F 94 -28.13 15.41 20.83
N SER F 95 -27.93 14.27 21.50
CA SER F 95 -26.78 13.39 21.22
C SER F 95 -27.18 12.16 20.40
N PRO F 96 -26.34 11.73 19.44
CA PRO F 96 -26.60 10.47 18.75
C PRO F 96 -26.46 9.27 19.69
N PRO F 97 -27.18 8.17 19.41
CA PRO F 97 -27.04 6.96 20.23
C PRO F 97 -25.69 6.27 20.02
N GLU F 98 -25.40 5.26 20.84
CA GLU F 98 -24.18 4.48 20.65
C GLU F 98 -24.26 3.75 19.32
N LEU F 99 -23.10 3.55 18.70
CA LEU F 99 -22.99 2.87 17.42
C LEU F 99 -23.29 1.38 17.62
N PRO F 100 -24.24 0.82 16.85
CA PRO F 100 -24.56 -0.62 16.95
C PRO F 100 -23.37 -1.53 16.67
N ASP F 101 -23.37 -2.72 17.27
CA ASP F 101 -22.24 -3.66 17.15
C ASP F 101 -21.80 -3.93 15.70
N VAL F 102 -22.76 -4.15 14.80
CA VAL F 102 -22.45 -4.45 13.40
C VAL F 102 -21.87 -3.26 12.61
N MET F 103 -22.00 -2.05 13.13
CA MET F 103 -21.40 -0.85 12.52
C MET F 103 -20.08 -0.44 13.17
N LYS F 104 -19.59 -1.22 14.13
CA LYS F 104 -18.29 -0.94 14.77
C LYS F 104 -17.16 -1.56 13.96
N MET G 1 -36.35 37.60 1.43
CA MET G 1 -36.88 36.23 1.21
C MET G 1 -37.81 35.83 2.35
N MET G 2 -38.82 35.03 2.03
CA MET G 2 -39.66 34.42 3.06
C MET G 2 -38.85 33.35 3.78
N TYR G 3 -39.08 33.22 5.10
CA TYR G 3 -38.46 32.17 5.90
C TYR G 3 -39.55 31.23 6.43
N VAL G 4 -39.14 30.03 6.84
CA VAL G 4 -40.03 29.10 7.54
C VAL G 4 -39.35 28.57 8.78
N LYS G 5 -40.15 28.13 9.75
CA LYS G 5 -39.64 27.59 11.00
C LYS G 5 -39.84 26.09 11.07
N LEU G 6 -38.73 25.36 11.17
CA LEU G 6 -38.76 23.91 11.35
C LEU G 6 -38.43 23.58 12.80
N ILE G 7 -39.35 22.90 13.48
CA ILE G 7 -39.23 22.62 14.92
C ILE G 7 -39.07 21.13 15.17
N SER G 8 -38.04 20.76 15.91
CA SER G 8 -37.73 19.35 16.18
C SER G 8 -38.53 18.82 17.37
N SER G 9 -38.43 17.51 17.60
CA SER G 9 -39.13 16.85 18.70
C SER G 9 -38.71 17.39 20.06
N ASP G 10 -37.44 17.75 20.22
CA ASP G 10 -36.91 18.29 21.47
C ASP G 10 -37.01 19.82 21.58
N GLY G 11 -37.89 20.44 20.79
CA GLY G 11 -38.20 21.86 20.92
C GLY G 11 -37.15 22.84 20.42
N HIS G 12 -36.36 22.45 19.41
CA HIS G 12 -35.39 23.37 18.80
C HIS G 12 -35.98 24.01 17.54
N GLU G 13 -35.88 25.34 17.45
CA GLU G 13 -36.42 26.08 16.31
C GLU G 13 -35.33 26.40 15.28
N PHE G 14 -35.51 25.93 14.05
CA PHE G 14 -34.59 26.19 12.96
C PHE G 14 -35.28 27.07 11.92
N ILE G 15 -34.67 28.21 11.61
CA ILE G 15 -35.26 29.16 10.66
C ILE G 15 -34.43 29.23 9.38
N VAL G 16 -35.04 28.81 8.27
CA VAL G 16 -34.39 28.77 6.97
C VAL G 16 -35.25 29.42 5.89
N LYS G 17 -34.63 29.78 4.78
CA LYS G 17 -35.36 30.36 3.66
C LYS G 17 -36.39 29.36 3.16
N ARG G 18 -37.57 29.86 2.75
CA ARG G 18 -38.61 29.00 2.20
C ARG G 18 -38.07 28.17 1.03
N GLU G 19 -37.40 28.83 0.09
CA GLU G 19 -36.82 28.18 -1.11
C GLU G 19 -35.93 26.97 -0.77
N HIS G 20 -35.17 27.06 0.31
CA HIS G 20 -34.27 25.98 0.73
C HIS G 20 -35.08 24.78 1.27
N ALA G 21 -36.08 25.06 2.08
CA ALA G 21 -36.95 24.03 2.64
C ALA G 21 -37.77 23.30 1.57
N LEU G 22 -38.07 23.97 0.46
CA LEU G 22 -38.83 23.35 -0.64
C LEU G 22 -38.07 22.26 -1.39
N THR G 23 -36.78 22.10 -1.09
CA THR G 23 -35.99 20.94 -1.53
C THR G 23 -36.67 19.62 -1.16
N SER G 24 -37.27 19.58 0.03
CA SER G 24 -38.01 18.42 0.51
C SER G 24 -39.41 18.36 -0.11
N GLY G 25 -39.74 17.21 -0.69
CA GLY G 25 -41.07 17.01 -1.29
C GLY G 25 -42.20 16.99 -0.26
N THR G 26 -41.92 16.40 0.90
CA THR G 26 -42.88 16.32 1.99
C THR G 26 -43.27 17.69 2.54
N ILE G 27 -42.30 18.59 2.67
CA ILE G 27 -42.55 19.96 3.16
C ILE G 27 -43.30 20.77 2.11
N LYS G 28 -42.79 20.74 0.88
CA LYS G 28 -43.45 21.39 -0.27
C LYS G 28 -44.96 21.15 -0.26
N ALA G 29 -45.36 19.91 -0.02
CA ALA G 29 -46.78 19.53 0.03
C ALA G 29 -47.50 20.15 1.22
N MET G 30 -46.85 20.16 2.38
CA MET G 30 -47.44 20.71 3.59
C MET G 30 -47.75 22.20 3.45
N LEU G 31 -46.77 22.97 3.00
CA LEU G 31 -46.90 24.43 2.96
C LEU G 31 -47.89 24.94 1.92
N SER G 32 -47.78 24.47 0.68
CA SER G 32 -48.69 24.89 -0.39
C SER G 32 -49.95 24.01 -0.40
N GLY G 33 -50.71 24.09 0.69
CA GLY G 33 -51.90 23.24 0.90
C GLY G 33 -52.10 22.93 2.38
N ASN G 43 -46.33 28.49 7.08
CA ASN G 43 -45.22 29.29 7.59
C ASN G 43 -44.39 28.57 8.68
N GLU G 44 -45.04 27.72 9.47
CA GLU G 44 -44.39 27.02 10.58
C GLU G 44 -44.72 25.53 10.48
N VAL G 45 -43.75 24.66 10.81
CA VAL G 45 -43.90 23.21 10.65
C VAL G 45 -43.20 22.42 11.76
N ASN G 46 -43.95 21.50 12.38
CA ASN G 46 -43.45 20.73 13.52
C ASN G 46 -43.24 19.25 13.17
N PHE G 47 -42.04 18.74 13.49
CA PHE G 47 -41.71 17.33 13.31
C PHE G 47 -41.56 16.66 14.68
N ARG G 48 -42.62 16.00 15.12
CA ARG G 48 -42.69 15.43 16.46
C ARG G 48 -41.80 14.19 16.70
N GLU G 49 -41.19 13.65 15.65
CA GLU G 49 -40.36 12.44 15.78
C GLU G 49 -38.88 12.62 15.40
N ILE G 50 -38.51 13.73 14.77
CA ILE G 50 -37.12 14.00 14.37
C ILE G 50 -36.43 14.93 15.36
N PRO G 51 -35.28 14.50 15.94
CA PRO G 51 -34.56 15.32 16.93
C PRO G 51 -33.56 16.31 16.34
N SER G 52 -33.17 17.28 17.15
CA SER G 52 -32.36 18.42 16.70
C SER G 52 -31.02 18.04 16.03
N HIS G 53 -30.33 17.04 16.57
CA HIS G 53 -29.04 16.65 15.99
C HIS G 53 -29.21 16.07 14.58
N VAL G 54 -30.41 15.59 14.26
CA VAL G 54 -30.74 15.16 12.90
C VAL G 54 -31.23 16.33 12.07
N LEU G 55 -32.26 17.03 12.55
CA LEU G 55 -32.88 18.11 11.78
C LEU G 55 -31.91 19.24 11.42
N SER G 56 -30.95 19.50 12.30
CA SER G 56 -29.92 20.51 12.01
C SER G 56 -29.13 20.08 10.78
N LYS G 57 -28.76 18.81 10.74
CA LYS G 57 -28.01 18.26 9.61
C LYS G 57 -28.79 18.34 8.30
N VAL G 58 -30.11 18.16 8.39
CA VAL G 58 -30.98 18.26 7.21
C VAL G 58 -30.88 19.67 6.61
N CYS G 59 -30.99 20.67 7.46
CA CYS G 59 -30.95 22.07 7.01
C CYS G 59 -29.64 22.40 6.30
N MET G 60 -28.54 21.83 6.79
CA MET G 60 -27.25 21.99 6.12
C MET G 60 -27.32 21.41 4.72
N TYR G 61 -27.96 20.25 4.57
CA TYR G 61 -28.13 19.65 3.26
C TYR G 61 -28.87 20.58 2.30
N PHE G 62 -29.90 21.27 2.79
CA PHE G 62 -30.62 22.22 1.95
C PHE G 62 -29.68 23.30 1.42
N THR G 63 -28.89 23.88 2.32
CA THR G 63 -27.90 24.90 1.94
C THR G 63 -26.93 24.36 0.87
N TYR G 64 -26.51 23.11 1.05
CA TYR G 64 -25.57 22.45 0.13
C TYR G 64 -26.20 22.23 -1.26
N LYS G 65 -27.41 21.70 -1.27
CA LYS G 65 -28.14 21.40 -2.50
C LYS G 65 -28.40 22.66 -3.34
N VAL G 66 -28.87 23.72 -2.68
CA VAL G 66 -29.18 24.97 -3.39
C VAL G 66 -27.91 25.65 -3.89
N ARG G 67 -26.83 25.54 -3.13
CA ARG G 67 -25.56 26.15 -3.50
C ARG G 67 -24.89 25.46 -4.70
N TYR G 68 -24.93 24.13 -4.75
CA TYR G 68 -24.13 23.39 -5.74
C TYR G 68 -24.90 22.81 -6.92
N THR G 69 -26.22 22.92 -6.92
CA THR G 69 -27.02 22.57 -8.09
C THR G 69 -26.78 23.63 -9.17
N ASN G 70 -26.49 23.19 -10.40
CA ASN G 70 -26.13 24.07 -11.52
C ASN G 70 -24.86 24.90 -11.31
N SER G 71 -23.98 24.43 -10.42
CA SER G 71 -22.70 25.05 -10.21
C SER G 71 -21.73 24.44 -11.21
N SER G 72 -20.87 25.27 -11.81
CA SER G 72 -19.80 24.78 -12.68
C SER G 72 -18.47 24.59 -11.94
N THR G 73 -18.44 25.00 -10.68
CA THR G 73 -17.35 24.67 -9.78
C THR G 73 -17.44 23.18 -9.44
N GLU G 74 -16.29 22.55 -9.18
CA GLU G 74 -16.28 21.18 -8.65
C GLU G 74 -16.96 21.15 -7.30
N ILE G 75 -17.55 19.99 -6.97
CA ILE G 75 -18.45 19.85 -5.84
C ILE G 75 -17.81 18.97 -4.74
N PRO G 76 -17.84 19.44 -3.48
CA PRO G 76 -17.25 18.65 -2.40
C PRO G 76 -18.22 17.62 -1.83
N GLU G 77 -17.68 16.65 -1.11
CA GLU G 77 -18.48 15.59 -0.51
C GLU G 77 -19.34 16.14 0.61
N PHE G 78 -20.59 15.69 0.70
CA PHE G 78 -21.42 15.98 1.86
C PHE G 78 -21.09 14.97 2.96
N PRO G 79 -20.50 15.44 4.08
CA PRO G 79 -20.03 14.53 5.13
C PRO G 79 -21.15 14.10 6.09
N ILE G 80 -21.15 12.82 6.46
CA ILE G 80 -22.09 12.27 7.43
C ILE G 80 -21.33 11.37 8.41
N ALA G 81 -21.35 11.74 9.69
CA ALA G 81 -20.68 10.94 10.72
C ALA G 81 -21.40 9.61 10.93
N PRO G 82 -20.64 8.51 11.09
CA PRO G 82 -21.21 7.18 11.30
C PRO G 82 -22.41 7.12 12.27
N GLU G 83 -22.28 7.78 13.41
CA GLU G 83 -23.29 7.66 14.47
C GLU G 83 -24.60 8.43 14.23
N ILE G 84 -24.68 9.23 13.16
CA ILE G 84 -25.96 9.87 12.79
C ILE G 84 -26.59 9.30 11.50
N ALA G 85 -25.85 8.44 10.81
CA ALA G 85 -26.22 7.96 9.47
C ALA G 85 -27.57 7.23 9.42
N LEU G 86 -27.83 6.36 10.41
CA LEU G 86 -29.06 5.59 10.42
C LEU G 86 -30.29 6.50 10.51
N GLU G 87 -30.27 7.40 11.49
CA GLU G 87 -31.39 8.32 11.69
C GLU G 87 -31.57 9.31 10.53
N LEU G 88 -30.46 9.76 9.94
CA LEU G 88 -30.53 10.71 8.84
C LEU G 88 -31.13 10.07 7.59
N LEU G 89 -30.84 8.78 7.39
CA LEU G 89 -31.43 7.99 6.32
C LEU G 89 -32.95 7.90 6.45
N MET G 90 -33.42 7.65 7.68
CA MET G 90 -34.86 7.57 7.94
C MET G 90 -35.54 8.93 7.72
N ALA G 91 -34.89 9.98 8.19
CA ALA G 91 -35.41 11.35 7.99
C ALA G 91 -35.51 11.69 6.51
N ALA G 92 -34.44 11.39 5.78
CA ALA G 92 -34.37 11.68 4.34
C ALA G 92 -35.50 10.99 3.58
N ASN G 93 -35.68 9.70 3.87
CA ASN G 93 -36.73 8.92 3.22
C ASN G 93 -38.12 9.45 3.56
N PHE G 94 -38.32 9.79 4.82
CA PHE G 94 -39.58 10.37 5.29
C PHE G 94 -39.86 11.75 4.68
N LEU G 95 -38.81 12.54 4.49
CA LEU G 95 -38.92 13.89 3.93
C LEU G 95 -38.86 13.96 2.40
N ASP G 96 -38.46 12.85 1.77
CA ASP G 96 -38.31 12.80 0.31
C ASP G 96 -37.38 13.91 -0.20
N CYS G 97 -36.11 13.79 0.16
CA CYS G 97 -35.09 14.72 -0.32
C CYS G 97 -33.74 14.02 -0.43
N PRO H 10 -27.18 -2.83 -29.49
CA PRO H 10 -28.06 -1.90 -28.81
C PRO H 10 -27.95 -0.47 -29.32
N VAL H 11 -28.68 0.44 -28.69
CA VAL H 11 -28.72 1.83 -29.14
C VAL H 11 -27.47 2.57 -28.65
N LEU H 12 -27.20 2.49 -27.35
CA LEU H 12 -26.03 3.14 -26.76
C LEU H 12 -24.77 2.32 -27.02
N ARG H 13 -23.92 2.81 -27.92
CA ARG H 13 -22.68 2.13 -28.28
C ARG H 13 -21.75 3.06 -29.06
N SER H 14 -20.46 2.77 -29.01
CA SER H 14 -19.48 3.53 -29.77
C SER H 14 -19.60 3.28 -31.27
N VAL H 15 -19.24 4.28 -32.05
CA VAL H 15 -19.14 4.16 -33.50
C VAL H 15 -17.70 3.75 -33.84
N ASN H 16 -17.55 2.79 -34.74
CA ASN H 16 -16.23 2.36 -35.15
C ASN H 16 -15.66 3.27 -36.26
N SER H 17 -15.39 4.52 -35.89
CA SER H 17 -14.98 5.55 -36.84
C SER H 17 -13.51 5.49 -37.26
N ARG H 18 -12.64 5.08 -36.35
CA ARG H 18 -11.19 5.10 -36.58
C ARG H 18 -10.66 6.50 -36.92
N GLU H 19 -11.36 7.54 -36.43
CA GLU H 19 -10.92 8.92 -36.55
C GLU H 19 -10.42 9.38 -35.18
N PRO H 20 -9.22 9.98 -35.13
CA PRO H 20 -8.58 10.22 -33.83
C PRO H 20 -9.21 11.35 -33.04
N SER H 21 -9.08 11.26 -31.71
CA SER H 21 -9.53 12.31 -30.80
C SER H 21 -8.66 12.31 -29.54
N GLN H 22 -7.88 13.37 -29.34
CA GLN H 22 -7.06 13.54 -28.13
C GLN H 22 -7.90 14.14 -27.02
N VAL H 23 -7.85 13.51 -25.85
CA VAL H 23 -8.72 13.84 -24.73
C VAL H 23 -7.91 13.93 -23.43
N ILE H 24 -8.39 14.73 -22.48
CA ILE H 24 -7.82 14.79 -21.14
C ILE H 24 -8.86 14.34 -20.12
N PHE H 25 -8.59 13.24 -19.44
CA PHE H 25 -9.42 12.79 -18.32
C PHE H 25 -8.86 13.45 -17.08
N CYS H 26 -9.72 14.09 -16.31
CA CYS H 26 -9.29 14.82 -15.12
C CYS H 26 -10.28 14.59 -14.01
N ASN H 27 -9.81 13.97 -12.93
CA ASN H 27 -10.68 13.61 -11.81
C ASN H 27 -10.64 14.67 -10.72
N ARG H 28 -11.67 15.53 -10.73
CA ARG H 28 -11.87 16.54 -9.69
C ARG H 28 -12.98 16.11 -8.72
N SER H 29 -13.00 14.83 -8.37
CA SER H 29 -13.85 14.31 -7.31
C SER H 29 -12.93 13.72 -6.21
N PRO H 30 -13.49 13.44 -5.02
CA PRO H 30 -12.70 12.79 -3.99
C PRO H 30 -12.66 11.26 -4.10
N ARG H 31 -13.36 10.70 -5.08
CA ARG H 31 -13.39 9.25 -5.27
C ARG H 31 -12.29 8.81 -6.21
N VAL H 32 -11.91 7.53 -6.12
CA VAL H 32 -11.08 6.89 -7.12
C VAL H 32 -11.99 6.53 -8.29
N VAL H 33 -11.65 7.02 -9.49
CA VAL H 33 -12.56 6.95 -10.64
C VAL H 33 -12.22 5.77 -11.57
N LEU H 34 -13.27 5.08 -12.01
CA LEU H 34 -13.16 4.06 -13.05
C LEU H 34 -13.80 4.58 -14.32
N PRO H 35 -12.99 4.83 -15.37
CA PRO H 35 -13.59 5.12 -16.65
C PRO H 35 -14.15 3.84 -17.28
N VAL H 36 -15.32 3.95 -17.91
CA VAL H 36 -15.96 2.81 -18.56
C VAL H 36 -16.22 3.15 -20.02
N TRP H 37 -15.70 2.32 -20.94
CA TRP H 37 -15.89 2.53 -22.38
C TRP H 37 -16.95 1.58 -22.89
N LEU H 38 -17.96 2.11 -23.59
CA LEU H 38 -18.96 1.25 -24.23
C LEU H 38 -18.47 0.88 -25.62
N ASN H 39 -18.35 -0.42 -25.91
CA ASN H 39 -17.76 -0.84 -27.18
C ASN H 39 -18.74 -0.81 -28.35
N PHE H 40 -18.35 -1.40 -29.49
CA PHE H 40 -19.19 -1.34 -30.70
C PHE H 40 -20.46 -2.20 -30.57
N ASP H 41 -20.44 -3.18 -29.66
CA ASP H 41 -21.65 -3.96 -29.31
C ASP H 41 -22.35 -3.46 -28.04
N GLY H 42 -22.01 -2.26 -27.58
CA GLY H 42 -22.64 -1.69 -26.38
C GLY H 42 -22.23 -2.29 -25.04
N GLU H 43 -21.21 -3.15 -25.04
CA GLU H 43 -20.73 -3.80 -23.81
C GLU H 43 -19.75 -2.88 -23.08
N PRO H 44 -19.95 -2.67 -21.76
CA PRO H 44 -19.05 -1.79 -21.02
C PRO H 44 -17.70 -2.44 -20.80
N GLN H 45 -16.63 -1.70 -21.07
CA GLN H 45 -15.26 -2.16 -20.90
C GLN H 45 -14.56 -1.25 -19.90
N PRO H 46 -14.00 -1.83 -18.83
CA PRO H 46 -13.35 -1.00 -17.83
C PRO H 46 -11.94 -0.61 -18.27
N TYR H 47 -11.52 0.58 -17.88
CA TYR H 47 -10.18 1.10 -18.18
C TYR H 47 -9.45 1.38 -16.87
N PRO H 48 -8.14 1.68 -16.93
CA PRO H 48 -7.39 1.93 -15.68
C PRO H 48 -7.95 3.09 -14.87
N THR H 49 -7.80 3.02 -13.55
CA THR H 49 -8.42 3.98 -12.66
C THR H 49 -7.58 5.24 -12.44
N LEU H 50 -8.25 6.31 -12.06
CA LEU H 50 -7.63 7.61 -11.78
C LEU H 50 -7.81 7.97 -10.32
N PRO H 51 -6.71 8.14 -9.57
CA PRO H 51 -6.85 8.65 -8.19
C PRO H 51 -7.34 10.10 -8.16
N PRO H 52 -7.94 10.52 -7.04
CA PRO H 52 -8.50 11.88 -6.92
C PRO H 52 -7.46 13.00 -7.14
N GLY H 53 -7.82 14.00 -7.93
CA GLY H 53 -6.92 15.10 -8.24
C GLY H 53 -5.98 14.87 -9.41
N THR H 54 -5.96 13.66 -9.99
CA THR H 54 -5.00 13.34 -11.06
C THR H 54 -5.66 13.49 -12.42
N GLY H 55 -4.83 13.74 -13.43
CA GLY H 55 -5.28 13.78 -14.82
C GLY H 55 -4.26 13.13 -15.73
N ARG H 56 -4.66 12.91 -16.98
CA ARG H 56 -3.86 12.13 -17.92
C ARG H 56 -4.34 12.35 -19.36
N ARG H 57 -3.42 12.38 -20.33
CA ARG H 57 -3.80 12.46 -21.74
C ARG H 57 -4.35 11.12 -22.18
N ILE H 58 -5.33 11.14 -23.09
CA ILE H 58 -6.07 9.94 -23.51
C ILE H 58 -6.31 9.94 -25.00
N HIS H 59 -5.98 8.83 -25.66
CA HIS H 59 -6.31 8.66 -27.08
C HIS H 59 -7.59 7.88 -27.23
N SER H 60 -8.61 8.53 -27.79
CA SER H 60 -9.89 7.90 -28.10
C SER H 60 -10.24 8.21 -29.56
N TYR H 61 -11.48 7.98 -29.98
CA TYR H 61 -11.90 8.18 -31.38
C TYR H 61 -13.27 8.86 -31.46
N ARG H 62 -13.55 9.49 -32.60
CA ARG H 62 -14.82 10.20 -32.78
C ARG H 62 -16.01 9.25 -32.65
N GLY H 63 -17.02 9.69 -31.91
CA GLY H 63 -18.26 8.92 -31.73
C GLY H 63 -18.19 7.78 -30.72
N HIS H 64 -17.17 7.79 -29.86
CA HIS H 64 -17.01 6.78 -28.82
C HIS H 64 -17.70 7.23 -27.52
N LEU H 65 -18.47 6.34 -26.89
CA LEU H 65 -19.20 6.68 -25.64
C LEU H 65 -18.42 6.28 -24.40
N TRP H 66 -18.36 7.20 -23.42
CA TRP H 66 -17.75 6.95 -22.11
C TRP H 66 -18.67 7.32 -20.95
N LEU H 67 -18.55 6.61 -19.84
CA LEU H 67 -19.13 7.06 -18.58
C LEU H 67 -18.15 6.79 -17.43
N PHE H 68 -18.47 7.28 -16.24
CA PHE H 68 -17.51 7.27 -15.13
C PHE H 68 -18.16 6.93 -13.79
N ARG H 69 -17.47 6.08 -13.02
CA ARG H 69 -18.00 5.57 -11.76
C ARG H 69 -16.93 5.53 -10.67
N ASP H 70 -17.38 5.45 -9.41
CA ASP H 70 -16.50 5.17 -8.27
C ASP H 70 -16.03 3.71 -8.34
N ALA H 71 -14.70 3.53 -8.36
CA ALA H 71 -14.09 2.23 -8.61
C ALA H 71 -14.39 1.16 -7.56
N GLY H 72 -14.66 1.57 -6.33
CA GLY H 72 -14.91 0.65 -5.23
C GLY H 72 -16.37 0.33 -5.03
N THR H 73 -17.22 1.35 -5.18
CA THR H 73 -18.65 1.26 -4.83
C THR H 73 -19.60 1.26 -6.02
N HIS H 74 -19.12 1.69 -7.18
CA HIS H 74 -19.93 1.85 -8.39
C HIS H 74 -20.91 3.04 -8.37
N ASP H 75 -20.78 3.94 -7.39
CA ASP H 75 -21.56 5.17 -7.40
C ASP H 75 -21.30 5.94 -8.70
N GLY H 76 -22.36 6.40 -9.36
CA GLY H 76 -22.23 7.15 -10.60
C GLY H 76 -21.66 8.53 -10.38
N LEU H 77 -20.92 9.03 -11.36
CA LEU H 77 -20.28 10.35 -11.33
C LEU H 77 -20.66 11.14 -12.60
N LEU H 78 -20.38 12.44 -12.62
CA LEU H 78 -20.65 13.27 -13.80
C LEU H 78 -19.37 13.57 -14.58
N VAL H 79 -19.55 13.90 -15.86
CA VAL H 79 -18.45 14.30 -16.74
C VAL H 79 -18.93 15.52 -17.56
N ASN H 80 -18.26 16.66 -17.38
CA ASN H 80 -18.71 17.93 -17.97
C ASN H 80 -20.19 18.20 -17.74
N GLN H 81 -20.59 18.10 -16.47
CA GLN H 81 -21.95 18.33 -15.99
C GLN H 81 -23.05 17.34 -16.44
N THR H 82 -22.67 16.25 -17.12
CA THR H 82 -23.67 15.30 -17.63
C THR H 82 -23.21 13.84 -17.44
N GLU H 83 -24.01 12.87 -17.87
CA GLU H 83 -23.76 11.45 -17.55
C GLU H 83 -22.84 10.74 -18.53
N LEU H 84 -23.03 11.00 -19.82
CA LEU H 84 -22.22 10.43 -20.89
C LEU H 84 -21.23 11.44 -21.49
N PHE H 85 -20.16 10.92 -22.07
CA PHE H 85 -19.18 11.75 -22.77
C PHE H 85 -18.92 11.21 -24.17
N VAL H 86 -19.03 12.08 -25.19
CA VAL H 86 -18.67 11.72 -26.57
C VAL H 86 -17.68 12.74 -27.15
N PRO H 87 -16.45 12.29 -27.52
CA PRO H 87 -15.46 13.20 -28.09
C PRO H 87 -15.77 13.64 -29.51
N SER H 88 -15.50 14.91 -29.79
CA SER H 88 -15.52 15.45 -31.14
C SER H 88 -14.17 15.20 -31.82
N LEU H 89 -14.05 15.60 -33.08
CA LEU H 89 -12.73 15.72 -33.71
C LEU H 89 -12.07 16.99 -33.17
N ASN H 90 -10.74 16.97 -33.12
CA ASN H 90 -9.98 18.10 -32.61
C ASN H 90 -10.02 19.29 -33.57
N VAL H 91 -9.65 20.45 -33.04
CA VAL H 91 -9.49 21.65 -33.83
C VAL H 91 -8.06 22.15 -33.62
N ASP H 92 -7.27 22.17 -34.70
CA ASP H 92 -5.86 22.59 -34.64
C ASP H 92 -5.10 21.84 -33.54
N GLY H 93 -5.30 20.53 -33.48
CA GLY H 93 -4.63 19.69 -32.48
C GLY H 93 -4.81 20.07 -31.01
N GLN H 94 -5.88 20.80 -30.70
CA GLN H 94 -6.19 21.18 -29.32
C GLN H 94 -6.91 20.02 -28.62
N PRO H 95 -6.46 19.66 -27.41
CA PRO H 95 -7.15 18.58 -26.68
C PRO H 95 -8.59 18.90 -26.31
N ILE H 96 -9.41 17.86 -26.19
CA ILE H 96 -10.78 17.96 -25.66
C ILE H 96 -10.72 17.61 -24.19
N PHE H 97 -11.35 18.43 -23.34
CA PHE H 97 -11.28 18.25 -21.89
C PHE H 97 -12.51 17.56 -21.30
N ALA H 98 -12.27 16.60 -20.40
CA ALA H 98 -13.33 15.87 -19.74
C ALA H 98 -13.16 15.99 -18.23
N ASN H 99 -14.00 16.83 -17.63
CA ASN H 99 -13.91 17.18 -16.22
C ASN H 99 -14.84 16.31 -15.40
N ILE H 100 -14.29 15.49 -14.50
CA ILE H 100 -15.07 14.51 -13.78
C ILE H 100 -15.32 14.97 -12.34
N THR H 101 -16.59 14.94 -11.93
CA THR H 101 -17.04 15.51 -10.66
C THR H 101 -18.12 14.69 -9.94
N LEU H 102 -18.25 14.94 -8.64
CA LEU H 102 -19.37 14.43 -7.86
C LEU H 102 -20.65 15.11 -8.32
N PRO H 103 -21.75 14.35 -8.41
CA PRO H 103 -23.04 15.00 -8.54
C PRO H 103 -23.58 15.40 -7.18
N VAL H 104 -24.63 16.23 -7.18
CA VAL H 104 -25.33 16.57 -5.95
C VAL H 104 -26.33 15.46 -5.69
N TYR H 105 -25.93 14.45 -4.94
CA TYR H 105 -26.81 13.34 -4.61
C TYR H 105 -27.96 13.83 -3.72
N THR H 106 -29.04 13.06 -3.70
CA THR H 106 -30.11 13.26 -2.73
C THR H 106 -29.57 12.89 -1.36
N LEU H 107 -30.19 13.43 -0.31
CA LEU H 107 -29.79 13.08 1.04
C LEU H 107 -29.99 11.60 1.30
N LYS H 108 -31.08 11.04 0.77
CA LYS H 108 -31.38 9.61 0.95
C LYS H 108 -30.28 8.76 0.36
N GLU H 109 -29.96 8.99 -0.91
CA GLU H 109 -28.94 8.21 -1.60
C GLU H 109 -27.58 8.35 -0.94
N ARG H 110 -27.30 9.55 -0.42
CA ARG H 110 -26.02 9.81 0.25
C ARG H 110 -25.91 9.05 1.57
N CYS H 111 -27.01 8.99 2.31
CA CYS H 111 -27.07 8.19 3.53
C CYS H 111 -26.95 6.69 3.22
N LEU H 112 -27.52 6.27 2.10
CA LEU H 112 -27.40 4.88 1.64
C LEU H 112 -25.93 4.52 1.41
N GLN H 113 -25.20 5.38 0.72
CA GLN H 113 -23.78 5.17 0.43
C GLN H 113 -22.94 4.94 1.68
N VAL H 114 -23.19 5.75 2.70
CA VAL H 114 -22.39 5.74 3.92
C VAL H 114 -22.68 4.49 4.73
N VAL H 115 -23.95 4.15 4.84
CA VAL H 115 -24.37 2.93 5.54
C VAL H 115 -23.85 1.68 4.82
N ARG H 116 -23.91 1.68 3.48
CA ARG H 116 -23.32 0.61 2.70
C ARG H 116 -21.84 0.44 3.03
N SER H 117 -21.12 1.55 3.20
CA SER H 117 -19.68 1.50 3.46
C SER H 117 -19.31 0.97 4.85
N LEU H 118 -20.27 0.91 5.77
CA LEU H 118 -20.03 0.51 7.16
C LEU H 118 -20.68 -0.81 7.58
N VAL H 119 -21.53 -1.38 6.72
CA VAL H 119 -22.28 -2.59 7.06
C VAL H 119 -22.13 -3.65 5.96
N LYS H 120 -21.83 -4.88 6.38
CA LYS H 120 -21.72 -6.02 5.46
C LYS H 120 -23.12 -6.39 4.96
N PRO H 121 -23.25 -6.72 3.65
CA PRO H 121 -24.55 -7.00 3.03
C PRO H 121 -25.45 -8.02 3.75
N GLU H 122 -24.85 -9.00 4.42
CA GLU H 122 -25.61 -10.00 5.18
C GLU H 122 -26.18 -9.43 6.49
N ASN H 123 -25.71 -8.25 6.90
CA ASN H 123 -26.21 -7.60 8.11
C ASN H 123 -27.22 -6.48 7.87
N TYR H 124 -27.41 -6.08 6.60
CA TYR H 124 -28.39 -5.05 6.25
C TYR H 124 -29.75 -5.25 6.93
N ARG H 125 -30.22 -6.49 6.97
CA ARG H 125 -31.55 -6.81 7.51
C ARG H 125 -31.55 -7.05 9.03
N ARG H 126 -30.42 -6.80 9.67
CA ARG H 126 -30.34 -6.81 11.14
C ARG H 126 -30.31 -5.38 11.71
N LEU H 127 -30.40 -4.38 10.83
CA LEU H 127 -30.44 -2.97 11.25
C LEU H 127 -31.85 -2.57 11.67
N ASP H 128 -31.95 -1.77 12.73
CA ASP H 128 -33.24 -1.35 13.28
C ASP H 128 -33.82 -0.15 12.51
N ILE H 129 -34.36 -0.43 11.33
CA ILE H 129 -34.94 0.60 10.46
C ILE H 129 -36.18 0.08 9.70
N VAL H 130 -36.88 0.99 9.02
CA VAL H 130 -38.11 0.65 8.29
C VAL H 130 -37.82 -0.36 7.17
N ARG H 131 -38.75 -1.31 6.97
CA ARG H 131 -38.55 -2.44 6.05
C ARG H 131 -38.20 -2.06 4.60
N SER H 132 -38.83 -1.00 4.10
CA SER H 132 -38.63 -0.59 2.70
C SER H 132 -37.20 -0.13 2.40
N LEU H 133 -36.48 0.32 3.42
CA LEU H 133 -35.08 0.73 3.26
C LEU H 133 -34.14 -0.45 3.06
N TYR H 134 -34.56 -1.65 3.45
CA TYR H 134 -33.76 -2.84 3.21
C TYR H 134 -33.59 -3.03 1.71
N GLU H 135 -34.70 -3.04 0.99
CA GLU H 135 -34.68 -3.13 -0.47
C GLU H 135 -33.83 -2.01 -1.08
N ASP H 136 -34.02 -0.79 -0.60
CA ASP H 136 -33.24 0.36 -1.06
C ASP H 136 -31.75 0.14 -0.88
N LEU H 137 -31.38 -0.38 0.29
CA LEU H 137 -29.97 -0.70 0.59
C LEU H 137 -29.39 -1.79 -0.31
N GLU H 138 -30.20 -2.79 -0.64
CA GLU H 138 -29.74 -3.91 -1.46
C GLU H 138 -29.62 -3.57 -2.95
N ASP H 139 -30.38 -2.59 -3.43
CA ASP H 139 -30.36 -2.18 -4.84
C ASP H 139 -29.14 -1.29 -5.14
N HIS H 140 -27.98 -1.93 -5.28
CA HIS H 140 -26.71 -1.21 -5.43
C HIS H 140 -26.61 -0.43 -6.74
N PRO H 141 -25.80 0.64 -6.73
CA PRO H 141 -25.52 1.38 -7.96
C PRO H 141 -24.99 0.43 -9.02
N ASN H 142 -25.42 0.63 -10.26
CA ASN H 142 -25.24 -0.36 -11.31
C ASN H 142 -25.22 0.25 -12.71
N VAL H 143 -24.19 -0.09 -13.49
CA VAL H 143 -24.03 0.41 -14.85
C VAL H 143 -25.17 -0.01 -15.78
N GLN H 144 -25.51 -1.31 -15.77
CA GLN H 144 -26.54 -1.85 -16.66
C GLN H 144 -27.90 -1.18 -16.42
N LYS H 145 -28.27 -1.08 -15.15
CA LYS H 145 -29.50 -0.41 -14.71
C LYS H 145 -29.61 1.01 -15.27
N ASP H 146 -28.48 1.74 -15.26
CA ASP H 146 -28.47 3.11 -15.80
C ASP H 146 -28.56 3.15 -17.32
N LEU H 147 -27.86 2.23 -17.99
CA LEU H 147 -27.89 2.16 -19.46
C LEU H 147 -29.31 2.05 -19.99
N GLU H 148 -30.14 1.26 -19.32
CA GLU H 148 -31.56 1.16 -19.67
C GLU H 148 -32.28 2.49 -19.49
N ARG H 149 -32.07 3.14 -18.35
CA ARG H 149 -32.68 4.45 -18.13
C ARG H 149 -32.20 5.46 -19.17
N LEU H 150 -30.91 5.47 -19.46
CA LEU H 150 -30.36 6.39 -20.46
C LEU H 150 -30.87 6.09 -21.87
N THR H 151 -30.98 4.80 -22.19
CA THR H 151 -31.50 4.38 -23.49
C THR H 151 -32.94 4.88 -23.69
N GLN H 152 -33.81 4.63 -22.71
CA GLN H 152 -35.24 4.93 -22.84
C GLN H 152 -35.57 6.44 -22.72
N GLU H 153 -34.67 7.21 -22.11
CA GLU H 153 -34.77 8.67 -22.14
C GLU H 153 -34.33 9.23 -23.49
N ARG H 154 -33.43 8.52 -24.16
CA ARG H 154 -33.03 8.85 -25.54
C ARG H 154 -34.16 8.53 -26.56
N ILE H 155 -35.02 7.58 -26.22
CA ILE H 155 -36.19 7.27 -27.03
C ILE H 155 -37.20 8.41 -26.96
N ALA H 156 -37.42 8.92 -25.74
CA ALA H 156 -38.32 10.06 -25.53
C ALA H 156 -37.62 11.38 -25.86
CAA 759 I . 17.23 -1.64 22.36
CBZ 759 I . 16.27 -2.65 21.69
NBI 759 I . 16.57 -3.19 20.48
CAV 759 I . 15.65 -4.03 19.99
SBR 759 I . 14.45 -4.14 21.09
CCH 759 I . 15.11 -3.06 22.22
CCF 759 I . 14.58 -2.72 23.42
CAU 759 I . 14.02 -3.73 24.19
CAQ 759 I . 13.45 -3.46 25.44
CAT 759 I . 14.55 -1.41 23.93
CAP 759 I . 13.99 -1.13 25.19
CCA 759 I . 13.42 -2.16 25.97
CBC 759 I . 12.87 -1.89 27.22
NBM 759 I . 11.71 -2.80 27.46
C 759 I . 10.43 -2.51 27.15
O 759 I . 10.08 -1.43 26.63
CA 759 I . 9.49 -3.54 27.42
CB 759 I . 9.40 -4.50 26.24
CG 759 I . 7.98 -5.01 26.26
OD1 759 I . 7.83 -6.12 27.16
CD2 759 I . 7.14 -3.83 26.77
N 759 I . 8.05 -3.08 27.67
CBW 759 I . 7.75 -2.18 28.63
OAK 759 I . 8.60 -1.68 29.36
CCN 759 I . 6.28 -1.86 28.89
CCQ 759 I . 5.81 -0.47 28.37
CAF 759 I . 4.47 -0.14 29.03
CAG 759 I . 6.79 0.67 28.68
CAE 759 I . 5.61 -0.49 26.85
NBN 759 I . 6.21 -1.84 30.35
CBT 759 I . 5.51 -2.70 31.11
OAH 759 I . 4.72 -3.55 30.69
CBD 759 I . 5.71 -2.42 32.60
OBQ 759 I . 5.27 -1.05 32.62
CBB 759 I . 5.77 -0.12 33.56
CBA 759 I . 6.19 1.10 32.72
OBP 759 I . 7.57 1.43 32.94
CAZ 759 I . 8.49 0.68 32.18
CAY 759 I . 9.82 1.45 32.20
OBO 759 I . 9.64 2.88 32.12
CAX 759 I . 10.24 3.43 30.98
CAW 759 I . 11.76 3.56 31.19
NBL 759 I . 12.24 3.49 32.60
CBU 759 I . 12.94 2.44 33.14
OAI 759 I . 13.19 1.40 32.54
CBE 759 I . 13.39 2.65 34.61
CCL 759 I . 13.76 1.32 35.29
NBH 759 I . 12.54 0.53 35.56
CCG 759 I . 14.43 1.44 36.54
NBK 759 I . 14.79 2.59 37.11
NBJ 759 I . 15.37 2.36 38.20
CCB 759 I . 15.41 1.04 38.37
CAB 759 I . 16.04 0.33 39.57
NCP 759 I . 14.81 0.44 37.35
CCJ 759 I . 14.62 -0.84 37.06
SBS 759 I . 15.80 -2.08 37.35
CCC 759 I . 14.87 -3.26 36.71
CAC 759 I . 15.28 -4.74 36.62
CCD 759 I . 13.71 -2.74 36.26
CAD 759 I . 12.66 -3.65 35.60
CCI 759 I . 13.55 -1.40 36.46
CBX 759 I . 12.48 -0.70 36.09
CCE 759 I . 11.18 -1.18 36.26
CAR 759 I . 10.76 -1.76 37.46
CAN 759 I . 9.46 -2.24 37.60
CBY 759 I . 8.55 -2.13 36.55
CL1 759 I . 6.89 -2.75 36.71
CAO 759 I . 8.96 -1.55 35.37
CAS 759 I . 10.26 -1.07 35.22
CAA 759 J . -3.70 5.27 -19.42
CBZ 759 J . -5.20 5.38 -19.07
NBI 759 J . -5.59 5.72 -17.82
CAV 759 J . -6.91 5.79 -17.61
SBR 759 J . -7.64 5.41 -19.05
CCH 759 J . -6.21 5.16 -19.94
CCF 759 J . -6.11 4.81 -21.24
CAU 759 J . -6.89 5.43 -22.23
CAQ 759 J . -6.77 5.09 -23.59
CAT 759 J . -5.21 3.84 -21.67
CAP 759 J . -5.09 3.49 -23.02
CCA 759 J . -5.86 4.10 -24.00
CBC 759 J . -5.68 3.70 -25.33
NBM 759 J . -6.89 4.01 -26.10
C 759 J . -7.93 3.17 -26.24
O 759 J . -7.96 2.05 -25.73
CA 759 J . -9.03 3.68 -26.95
CB 759 J . -10.04 4.21 -25.95
CG 759 J . -11.38 3.96 -26.59
OD1 759 J . -11.67 4.98 -27.58
CD2 759 J . -11.18 2.60 -27.24
N 759 J . -9.79 2.67 -27.75
CBW 759 J . -9.17 2.05 -28.75
OAK 759 J . -8.00 2.27 -29.03
CCN 759 J . -9.97 1.03 -29.57
CCQ 759 J . -9.75 -0.43 -29.07
CAF 759 J . -10.70 -1.37 -29.83
CAG 759 J . -8.32 -0.93 -29.32
CAE 759 J . -10.01 -0.55 -27.57
NBN 759 J . -9.52 1.17 -30.96
CBT 759 J . -10.31 1.62 -31.97
OAH 759 J . -11.50 1.91 -31.89
CBD 759 J . -9.56 1.70 -33.29
OBQ 759 J . -8.40 0.94 -32.97
CBB 759 J . -7.72 0.25 -34.01
CBA 759 J . -7.26 -1.06 -33.34
OBP 759 J . -5.94 -0.86 -32.78
CAZ 759 J . -5.97 -0.37 -31.45
CAY 759 J . -4.53 -0.07 -31.03
OBO 759 J . -4.21 -0.87 -29.89
CAX 759 J . -3.03 -1.63 -29.94
CAW 759 J . -1.94 -0.70 -29.38
NBL 759 J . -0.99 -0.28 -30.43
CBU 759 J . -0.91 1.00 -30.87
OAI 759 J . -1.63 1.91 -30.45
CBE 759 J . 0.19 1.24 -31.93
CCL 759 J . 0.05 2.67 -32.46
NBH 759 J . -1.21 2.79 -33.23
CCG 759 J . 1.10 3.10 -33.31
NBK 759 J . 2.17 2.37 -33.61
NBJ 759 J . 2.93 3.06 -34.36
CCB 759 J . 2.36 4.24 -34.57
CAB 759 J . 2.95 5.33 -35.44
NCP 759 J . 1.20 4.28 -33.92
CCJ 759 J . 0.28 5.25 -33.80
SBS 759 J . 0.67 6.89 -33.69
CCC 759 J . -0.87 7.36 -33.54
CAC 759 J . -1.31 8.83 -33.40
CCD 759 J . -1.68 6.30 -33.57
CAD 759 J . -3.22 6.48 -33.44
CCI 759 J . -1.06 5.10 -33.71
CBX 759 J . -1.71 3.92 -33.76
CCE 759 J . -2.91 3.73 -34.46
CAR 759 J . -3.04 4.15 -35.79
CAN 759 J . -4.24 3.94 -36.46
CBY 759 J . -5.31 3.31 -35.84
CL1 759 J . -6.82 3.07 -36.70
CAO 759 J . -5.18 2.89 -34.52
CAS 759 J . -3.98 3.09 -33.84
#